data_9CSK
#
_entry.id   9CSK
#
_cell.length_a   56.511
_cell.length_b   64.289
_cell.length_c   186.208
_cell.angle_alpha   90.00
_cell.angle_beta   91.67
_cell.angle_gamma   90.00
#
_symmetry.space_group_name_H-M   'P 1 21 1'
#
loop_
_entity.id
_entity.type
_entity.pdbx_description
1 polymer 'G1/S-specific cyclin-D1'
2 polymer 'Cyclin-dependent kinase 4'
3 non-polymer Atirmociclib
4 water water
#
loop_
_entity_poly.entity_id
_entity_poly.type
_entity_poly.pdbx_seq_one_letter_code
_entity_poly.pdbx_strand_id
1 'polypeptide(L)'
;MAYPDANLLNDRVLRAMLKAEETCAPSVSYFKCVQKEVLPSMRKIVATWMLEVCEEQKCEEEVFPLAMNYLDRFLSLEPV
KKSRLQLLGATCMFVASKMKETIPLTAEKLCIYTDNSIRPEELLQMELLLVNKLKWNLAAMTPHDFIEHFLSKMPEAEEN
KQIIRKHAQTFVALCATDVKFISNPPSMVAAGSVVAAVQGLNLRSPNNFLSYYRLTRFLSRVIKCDPDCLRACQEQIEAL
LESSLRQAQQNMDPKAA
;
A,C
2 'polypeptide(L)'
;MATSRYEPVAEIGVGAYGTVYKARDPHSGHFVALKSVRVPNGEEGLPISTVREVALLRRLEAFEHPNVVRLMDVCATSRT
DREIKVTLVFEHVDQDLRTYLDKAPPPGLPAETIKDLMRQFLRGLDFLHANCIVHRDLKPENILVTSGGTVKLADFGLAR
IYSYQMALTPVVVTLWYRAPEVLLQSTYATPVDMWSVGCIFAEMFRRKPLFCGNSEADQLGKIFDLIGLPPEDDWPRDVS
LPRGAFPPRGPRPVQSVVPEMEESGAQLLLEMLTFNPHKRISAFRALQHSYLHKDEGNPELENLYFQGHHHHHH
;
B,D
#
# COMPACT_ATOMS: atom_id res chain seq x y z
N ASP A 11 -44.87 22.31 4.48
CA ASP A 11 -43.51 22.11 5.00
C ASP A 11 -42.58 21.53 3.94
N ARG A 12 -41.27 21.75 4.10
CA ARG A 12 -40.22 21.20 3.23
C ARG A 12 -39.88 19.74 3.62
N VAL A 13 -40.14 19.34 4.89
CA VAL A 13 -39.94 17.95 5.31
C VAL A 13 -41.04 17.09 4.67
N LEU A 14 -42.27 17.61 4.59
CA LEU A 14 -43.38 16.92 3.96
C LEU A 14 -43.12 16.62 2.47
N ARG A 15 -42.47 17.54 1.74
CA ARG A 15 -42.12 17.31 0.34
C ARG A 15 -40.99 16.28 0.18
N ALA A 16 -40.12 16.16 1.22
CA ALA A 16 -39.08 15.14 1.23
C ALA A 16 -39.68 13.78 1.59
N MET A 17 -40.70 13.73 2.45
CA MET A 17 -41.43 12.50 2.81
C MET A 17 -42.14 11.97 1.59
N LEU A 18 -42.80 12.83 0.81
CA LEU A 18 -43.50 12.42 -0.39
C LEU A 18 -42.53 11.91 -1.49
N LYS A 19 -41.29 12.41 -1.49
CA LYS A 19 -40.23 11.98 -2.40
C LYS A 19 -39.71 10.60 -1.98
N ALA A 20 -39.43 10.43 -0.68
CA ALA A 20 -38.94 9.20 -0.06
C ALA A 20 -39.90 8.04 -0.27
N GLU A 21 -41.23 8.29 -0.20
CA GLU A 21 -42.18 7.20 -0.40
C GLU A 21 -42.28 6.77 -1.87
N GLU A 22 -41.93 7.67 -2.80
CA GLU A 22 -41.89 7.34 -4.22
C GLU A 22 -40.69 6.42 -4.52
N THR A 23 -39.60 6.51 -3.74
CA THR A 23 -38.42 5.66 -3.92
C THR A 23 -38.61 4.29 -3.20
N CYS A 24 -39.46 4.22 -2.17
CA CYS A 24 -39.76 2.97 -1.47
C CYS A 24 -41.09 2.38 -1.99
N ALA A 25 -41.47 2.65 -3.24
CA ALA A 25 -42.76 2.19 -3.76
C ALA A 25 -42.77 0.75 -4.30
N PRO A 26 -43.68 -0.10 -3.79
CA PRO A 26 -43.83 -1.44 -4.37
C PRO A 26 -44.56 -1.40 -5.73
N SER A 27 -44.45 -2.48 -6.46
CA SER A 27 -45.06 -2.63 -7.78
C SER A 27 -46.50 -3.15 -7.60
N VAL A 28 -47.48 -2.50 -8.20
CA VAL A 28 -48.88 -2.97 -8.10
C VAL A 28 -49.16 -4.29 -8.87
N SER A 29 -48.22 -4.73 -9.71
CA SER A 29 -48.36 -5.91 -10.52
C SER A 29 -47.41 -7.03 -10.15
N TYR A 30 -46.86 -7.03 -8.91
CA TYR A 30 -45.89 -8.06 -8.54
C TYR A 30 -46.50 -9.46 -8.44
N PHE A 31 -47.80 -9.59 -8.12
CA PHE A 31 -48.40 -10.94 -8.05
C PHE A 31 -48.43 -11.59 -9.44
N LYS A 32 -48.58 -10.79 -10.50
CA LYS A 32 -48.62 -11.26 -11.87
C LYS A 32 -47.24 -11.35 -12.52
N CYS A 33 -46.40 -10.33 -12.28
CA CYS A 33 -45.11 -10.22 -12.95
C CYS A 33 -43.95 -10.84 -12.24
N VAL A 34 -43.95 -10.88 -10.90
CA VAL A 34 -42.79 -11.37 -10.16
C VAL A 34 -43.07 -12.70 -9.48
N GLN A 35 -44.14 -12.77 -8.71
CA GLN A 35 -44.48 -13.98 -7.95
C GLN A 35 -45.17 -15.07 -8.75
N LYS A 36 -44.64 -16.29 -8.66
CA LYS A 36 -45.21 -17.48 -9.33
C LYS A 36 -46.04 -18.35 -8.36
N GLU A 37 -45.75 -18.29 -7.07
CA GLU A 37 -46.54 -19.15 -6.14
C GLU A 37 -47.30 -18.33 -5.12
N VAL A 38 -46.81 -17.15 -4.79
CA VAL A 38 -47.41 -16.33 -3.69
C VAL A 38 -48.67 -15.62 -4.18
N LEU A 39 -49.75 -15.74 -3.45
CA LEU A 39 -51.00 -15.11 -3.87
C LEU A 39 -51.49 -14.16 -2.78
N PRO A 40 -52.42 -13.26 -3.07
CA PRO A 40 -52.90 -12.30 -2.09
C PRO A 40 -53.46 -12.89 -0.81
N SER A 41 -54.11 -14.03 -0.89
CA SER A 41 -54.70 -14.77 0.25
C SER A 41 -53.62 -15.18 1.23
N MET A 42 -52.47 -15.58 0.70
CA MET A 42 -51.26 -15.95 1.46
C MET A 42 -50.66 -14.72 2.16
N ARG A 43 -50.60 -13.59 1.47
CA ARG A 43 -50.12 -12.29 2.01
C ARG A 43 -51.08 -11.86 3.12
N LYS A 44 -52.36 -12.11 2.94
CA LYS A 44 -53.33 -11.73 3.96
C LYS A 44 -53.12 -12.54 5.23
N ILE A 45 -52.84 -13.84 5.08
CA ILE A 45 -52.61 -14.77 6.18
C ILE A 45 -51.30 -14.40 6.89
N VAL A 46 -50.23 -14.16 6.13
CA VAL A 46 -48.96 -13.74 6.74
C VAL A 46 -49.10 -12.32 7.36
N ALA A 47 -49.86 -11.43 6.74
CA ALA A 47 -50.10 -10.08 7.27
C ALA A 47 -50.89 -10.13 8.57
N THR A 48 -51.90 -11.00 8.61
CA THR A 48 -52.75 -11.21 9.81
C THR A 48 -51.88 -11.78 10.94
N TRP A 49 -51.00 -12.72 10.60
CA TRP A 49 -50.08 -13.35 11.59
C TRP A 49 -49.13 -12.30 12.17
N MET A 50 -48.59 -11.43 11.30
CA MET A 50 -47.66 -10.36 11.73
C MET A 50 -48.38 -9.41 12.68
N LEU A 51 -49.64 -9.06 12.37
CA LEU A 51 -50.41 -8.14 13.22
C LEU A 51 -50.62 -8.80 14.60
N GLU A 52 -50.91 -10.10 14.61
CA GLU A 52 -51.14 -10.86 15.87
C GLU A 52 -49.85 -10.87 16.70
N VAL A 53 -48.70 -11.07 16.05
CA VAL A 53 -47.39 -11.09 16.78
C VAL A 53 -47.13 -9.71 17.38
N CYS A 54 -47.38 -8.64 16.60
CA CYS A 54 -47.16 -7.25 17.09
C CYS A 54 -48.09 -6.95 18.28
N GLU A 55 -49.37 -7.33 18.17
CA GLU A 55 -50.35 -7.06 19.25
C GLU A 55 -49.98 -7.83 20.52
N GLU A 56 -49.61 -9.11 20.38
CA GLU A 56 -49.20 -9.97 21.52
C GLU A 56 -47.92 -9.44 22.17
N GLN A 57 -46.95 -9.01 21.35
CA GLN A 57 -45.63 -8.54 21.84
C GLN A 57 -45.67 -7.09 22.29
N LYS A 58 -46.82 -6.43 22.13
CA LYS A 58 -46.98 -5.04 22.51
C LYS A 58 -45.95 -4.16 21.81
N CYS A 59 -45.81 -4.39 20.51
CA CYS A 59 -44.90 -3.68 19.63
C CYS A 59 -45.34 -2.24 19.44
N GLU A 60 -44.39 -1.38 18.99
CA GLU A 60 -44.64 0.00 18.58
C GLU A 60 -45.54 -0.11 17.37
N GLU A 61 -46.62 0.67 17.36
CA GLU A 61 -47.66 0.67 16.35
C GLU A 61 -47.16 0.74 14.91
N GLU A 62 -46.01 1.34 14.68
CA GLU A 62 -45.46 1.48 13.36
C GLU A 62 -44.77 0.22 12.81
N VAL A 63 -44.41 -0.74 13.69
CA VAL A 63 -43.71 -1.96 13.29
C VAL A 63 -44.46 -2.75 12.21
N PHE A 64 -45.76 -3.00 12.43
CA PHE A 64 -46.58 -3.78 11.48
C PHE A 64 -46.70 -3.09 10.08
N PRO A 65 -47.12 -1.80 9.91
CA PRO A 65 -47.14 -1.21 8.55
C PRO A 65 -45.75 -1.12 7.91
N LEU A 66 -44.68 -0.94 8.70
CA LEU A 66 -43.33 -0.87 8.15
C LEU A 66 -42.91 -2.25 7.63
N ALA A 67 -43.19 -3.29 8.42
CA ALA A 67 -42.87 -4.68 8.03
C ALA A 67 -43.62 -5.06 6.76
N MET A 68 -44.90 -4.68 6.64
CA MET A 68 -45.71 -4.96 5.42
C MET A 68 -45.10 -4.22 4.24
N ASN A 69 -44.63 -2.98 4.47
CA ASN A 69 -44.00 -2.13 3.43
C ASN A 69 -42.76 -2.84 2.90
N TYR A 70 -41.95 -3.43 3.79
CA TYR A 70 -40.74 -4.18 3.38
C TYR A 70 -41.12 -5.42 2.57
N LEU A 71 -42.17 -6.12 2.99
CA LEU A 71 -42.65 -7.38 2.36
C LEU A 71 -43.11 -7.11 0.92
N ASP A 72 -43.91 -6.06 0.71
CA ASP A 72 -44.43 -5.73 -0.64
C ASP A 72 -43.26 -5.36 -1.56
N ARG A 73 -42.31 -4.56 -1.05
CA ARG A 73 -41.13 -4.12 -1.84
C ARG A 73 -40.26 -5.33 -2.20
N PHE A 74 -40.02 -6.25 -1.27
CA PHE A 74 -39.21 -7.46 -1.55
C PHE A 74 -39.94 -8.33 -2.58
N LEU A 75 -41.25 -8.48 -2.43
CA LEU A 75 -42.07 -9.30 -3.37
C LEU A 75 -42.05 -8.65 -4.76
N SER A 76 -41.80 -7.34 -4.81
CA SER A 76 -41.78 -6.63 -6.09
C SER A 76 -40.46 -6.86 -6.81
N LEU A 77 -39.43 -7.39 -6.14
CA LEU A 77 -38.11 -7.57 -6.73
C LEU A 77 -37.65 -8.99 -6.77
N GLU A 78 -38.14 -9.85 -5.86
CA GLU A 78 -37.70 -11.23 -5.77
C GLU A 78 -38.81 -12.23 -5.70
N PRO A 79 -38.76 -13.26 -6.58
CA PRO A 79 -39.73 -14.38 -6.47
C PRO A 79 -39.45 -15.15 -5.18
N VAL A 80 -40.52 -15.53 -4.48
CA VAL A 80 -40.46 -16.24 -3.19
C VAL A 80 -41.36 -17.46 -3.27
N LYS A 81 -40.88 -18.62 -2.81
CA LYS A 81 -41.67 -19.84 -2.75
C LYS A 81 -42.75 -19.63 -1.67
N LYS A 82 -43.99 -20.11 -1.89
CA LYS A 82 -45.04 -19.91 -0.88
C LYS A 82 -44.66 -20.51 0.49
N SER A 83 -43.78 -21.53 0.52
CA SER A 83 -43.28 -22.12 1.76
C SER A 83 -42.35 -21.18 2.54
N ARG A 84 -41.80 -20.19 1.85
CA ARG A 84 -40.86 -19.22 2.49
C ARG A 84 -41.51 -17.85 2.73
N LEU A 85 -42.83 -17.72 2.56
CA LEU A 85 -43.50 -16.44 2.75
C LEU A 85 -43.54 -16.06 4.23
N GLN A 86 -43.81 -17.07 5.11
CA GLN A 86 -43.85 -16.83 6.56
C GLN A 86 -42.49 -16.37 7.06
N LEU A 87 -41.42 -16.98 6.55
CA LEU A 87 -40.03 -16.64 6.86
C LEU A 87 -39.77 -15.18 6.48
N LEU A 88 -40.24 -14.76 5.29
CA LEU A 88 -40.14 -13.36 4.84
C LEU A 88 -40.93 -12.37 5.73
N GLY A 89 -42.14 -12.75 6.17
CA GLY A 89 -42.94 -11.93 7.05
C GLY A 89 -42.25 -11.75 8.40
N ALA A 90 -41.67 -12.85 8.92
CA ALA A 90 -40.97 -12.83 10.20
C ALA A 90 -39.69 -12.00 10.11
N THR A 91 -39.02 -12.03 8.98
CA THR A 91 -37.81 -11.25 8.74
C THR A 91 -38.11 -9.76 8.60
N CYS A 92 -39.24 -9.43 7.95
CA CYS A 92 -39.70 -8.05 7.77
C CYS A 92 -40.03 -7.44 9.13
N MET A 93 -40.64 -8.21 10.03
CA MET A 93 -40.97 -7.75 11.37
C MET A 93 -39.71 -7.54 12.21
N PHE A 94 -38.70 -8.41 12.02
CA PHE A 94 -37.42 -8.38 12.68
C PHE A 94 -36.66 -7.09 12.33
N VAL A 95 -36.53 -6.78 11.03
CA VAL A 95 -35.85 -5.52 10.60
C VAL A 95 -36.66 -4.29 11.04
N ALA A 96 -37.98 -4.36 10.94
CA ALA A 96 -38.88 -3.25 11.34
C ALA A 96 -38.76 -2.98 12.84
N SER A 97 -38.66 -4.06 13.63
CA SER A 97 -38.52 -3.95 15.10
C SER A 97 -37.21 -3.24 15.44
N LYS A 98 -36.13 -3.57 14.74
CA LYS A 98 -34.81 -2.95 15.00
C LYS A 98 -34.89 -1.44 14.69
N MET A 99 -35.53 -1.09 13.58
CA MET A 99 -35.69 0.31 13.12
C MET A 99 -36.58 1.15 14.04
N LYS A 100 -37.68 0.59 14.54
CA LYS A 100 -38.67 1.38 15.34
C LYS A 100 -38.72 1.04 16.83
N GLU A 101 -37.91 0.13 17.37
CA GLU A 101 -38.13 -0.18 18.81
C GLU A 101 -36.85 -0.08 19.65
N THR A 102 -37.02 0.36 20.91
CA THR A 102 -35.91 0.46 21.91
C THR A 102 -35.39 -0.96 22.17
N ILE A 103 -36.32 -1.91 22.33
CA ILE A 103 -35.94 -3.34 22.51
C ILE A 103 -36.51 -4.08 21.29
N PRO A 104 -35.69 -4.40 20.28
CA PRO A 104 -36.17 -5.11 19.10
C PRO A 104 -36.54 -6.57 19.40
N LEU A 105 -37.51 -7.11 18.65
CA LEU A 105 -37.93 -8.52 18.82
C LEU A 105 -36.74 -9.42 18.47
N THR A 106 -36.50 -10.46 19.26
CA THR A 106 -35.42 -11.37 18.97
C THR A 106 -35.86 -12.35 17.90
N ALA A 107 -34.88 -12.94 17.21
CA ALA A 107 -35.14 -13.92 16.17
C ALA A 107 -35.91 -15.12 16.73
N GLU A 108 -35.55 -15.56 17.94
CA GLU A 108 -36.20 -16.71 18.54
C GLU A 108 -37.62 -16.38 19.00
N LYS A 109 -37.89 -15.13 19.44
CA LYS A 109 -39.24 -14.73 19.80
C LYS A 109 -40.14 -14.76 18.55
N LEU A 110 -39.60 -14.44 17.38
CA LEU A 110 -40.38 -14.53 16.13
C LEU A 110 -40.58 -15.99 15.69
N CYS A 111 -39.57 -16.85 15.86
CA CYS A 111 -39.67 -18.27 15.53
C CYS A 111 -40.65 -19.00 16.42
N ILE A 112 -40.83 -18.55 17.68
CA ILE A 112 -41.79 -19.10 18.63
C ILE A 112 -43.20 -18.96 18.05
N TYR A 113 -43.51 -17.82 17.45
CA TYR A 113 -44.79 -17.56 16.82
C TYR A 113 -45.04 -18.39 15.52
N THR A 114 -44.01 -19.03 14.98
CA THR A 114 -44.18 -19.96 13.86
C THR A 114 -44.22 -21.42 14.37
N ASP A 115 -44.38 -21.64 15.71
CA ASP A 115 -44.30 -22.92 16.40
C ASP A 115 -42.96 -23.59 16.13
N ASN A 116 -41.89 -22.78 16.07
CA ASN A 116 -40.53 -23.20 15.80
C ASN A 116 -40.37 -23.98 14.50
N SER A 117 -41.20 -23.68 13.48
CA SER A 117 -41.02 -24.28 12.16
C SER A 117 -39.87 -23.58 11.44
N ILE A 118 -39.63 -22.29 11.71
CA ILE A 118 -38.45 -21.62 11.19
C ILE A 118 -37.43 -21.48 12.34
N ARG A 119 -36.12 -21.48 12.04
CA ARG A 119 -35.11 -21.31 13.09
C ARG A 119 -34.38 -19.97 12.97
N PRO A 120 -33.82 -19.43 14.08
CA PRO A 120 -33.13 -18.12 14.00
C PRO A 120 -32.13 -17.97 12.85
N GLU A 121 -31.33 -19.00 12.57
CA GLU A 121 -30.34 -19.01 11.49
C GLU A 121 -30.97 -18.63 10.16
N GLU A 122 -32.15 -19.21 9.83
CA GLU A 122 -32.88 -18.94 8.59
C GLU A 122 -33.36 -17.49 8.53
N LEU A 123 -33.77 -16.96 9.67
CA LEU A 123 -34.22 -15.59 9.77
C LEU A 123 -33.03 -14.63 9.58
N LEU A 124 -31.83 -14.97 10.08
CA LEU A 124 -30.66 -14.12 9.92
C LEU A 124 -30.16 -14.10 8.48
N GLN A 125 -30.32 -15.22 7.74
CA GLN A 125 -29.95 -15.30 6.33
C GLN A 125 -30.92 -14.47 5.50
N MET A 126 -32.20 -14.54 5.86
CA MET A 126 -33.25 -13.73 5.16
C MET A 126 -32.94 -12.25 5.38
N GLU A 127 -32.46 -11.89 6.58
CA GLU A 127 -32.22 -10.48 6.92
C GLU A 127 -31.25 -9.84 5.94
N LEU A 128 -30.17 -10.57 5.57
CA LEU A 128 -29.21 -10.04 4.61
C LEU A 128 -29.85 -9.88 3.24
N LEU A 129 -30.66 -10.85 2.83
CA LEU A 129 -31.35 -10.82 1.55
C LEU A 129 -32.29 -9.64 1.46
N LEU A 130 -33.18 -9.49 2.47
CA LEU A 130 -34.15 -8.41 2.58
C LEU A 130 -33.46 -7.03 2.58
N VAL A 131 -32.54 -6.79 3.54
CA VAL A 131 -31.85 -5.51 3.66
C VAL A 131 -31.10 -5.15 2.35
N ASN A 132 -30.45 -6.12 1.69
CA ASN A 132 -29.77 -5.88 0.41
C ASN A 132 -30.72 -5.58 -0.72
N LYS A 133 -31.81 -6.36 -0.90
CA LYS A 133 -32.78 -6.06 -1.97
C LYS A 133 -33.42 -4.70 -1.78
N LEU A 134 -33.63 -4.26 -0.54
CA LEU A 134 -34.19 -2.94 -0.28
C LEU A 134 -33.14 -1.81 -0.33
N LYS A 135 -31.87 -2.15 -0.61
CA LYS A 135 -30.71 -1.27 -0.68
C LYS A 135 -30.56 -0.43 0.59
N TRP A 136 -30.86 -1.06 1.73
CA TRP A 136 -30.85 -0.50 3.09
C TRP A 136 -31.72 0.74 3.22
N ASN A 137 -32.82 0.83 2.45
CA ASN A 137 -33.78 1.92 2.57
C ASN A 137 -34.79 1.44 3.59
N LEU A 138 -34.40 1.44 4.86
CA LEU A 138 -35.21 0.87 5.93
C LEU A 138 -36.01 1.89 6.71
N ALA A 139 -35.53 3.14 6.71
CA ALA A 139 -36.23 4.26 7.36
C ALA A 139 -37.31 4.74 6.39
N ALA A 140 -38.16 3.83 5.93
CA ALA A 140 -39.23 4.15 4.96
C ALA A 140 -40.37 4.88 5.66
N MET A 141 -41.04 5.78 4.95
CA MET A 141 -42.20 6.53 5.51
C MET A 141 -43.35 5.53 5.72
N THR A 142 -44.10 5.70 6.80
CA THR A 142 -45.26 4.82 7.12
C THR A 142 -46.49 5.70 7.28
N PRO A 143 -47.73 5.21 7.05
CA PRO A 143 -48.91 6.06 7.18
C PRO A 143 -48.96 6.83 8.52
N HIS A 144 -48.36 6.28 9.59
CA HIS A 144 -48.26 6.89 10.91
C HIS A 144 -47.51 8.21 10.88
N ASP A 145 -46.48 8.32 10.03
CA ASP A 145 -45.71 9.56 9.89
C ASP A 145 -46.57 10.66 9.26
N PHE A 146 -47.44 10.28 8.32
CA PHE A 146 -48.35 11.17 7.63
C PHE A 146 -49.53 11.56 8.51
N ILE A 147 -50.05 10.62 9.30
CA ILE A 147 -51.21 10.93 10.18
C ILE A 147 -50.82 12.06 11.12
N GLU A 148 -49.59 12.02 11.66
CA GLU A 148 -49.11 13.07 12.60
C GLU A 148 -49.04 14.43 11.88
N HIS A 149 -48.53 14.47 10.65
CA HIS A 149 -48.44 15.74 9.89
C HIS A 149 -49.84 16.31 9.62
N PHE A 150 -50.79 15.45 9.25
CA PHE A 150 -52.18 15.86 8.95
C PHE A 150 -52.86 16.40 10.23
N LEU A 151 -52.63 15.73 11.36
CA LEU A 151 -53.28 16.10 12.66
C LEU A 151 -52.88 17.51 13.11
N SER A 152 -51.60 17.88 12.96
CA SER A 152 -51.17 19.23 13.40
C SER A 152 -51.93 20.29 12.59
N LYS A 153 -52.06 20.06 11.29
CA LYS A 153 -52.78 20.97 10.35
C LYS A 153 -54.28 21.01 10.65
N MET A 154 -54.86 19.88 11.07
CA MET A 154 -56.33 19.77 11.29
C MET A 154 -56.77 20.63 12.47
N PRO A 155 -57.97 21.27 12.41
CA PRO A 155 -58.46 22.09 13.51
C PRO A 155 -59.23 21.25 14.53
N GLU A 156 -58.50 20.55 15.41
CA GLU A 156 -59.14 19.70 16.45
C GLU A 156 -58.42 19.89 17.79
N ALA A 157 -59.15 19.78 18.90
CA ALA A 157 -58.56 19.90 20.25
C ALA A 157 -57.73 18.63 20.52
N GLU A 158 -56.64 18.75 21.29
CA GLU A 158 -55.79 17.60 21.57
C GLU A 158 -56.56 16.34 21.93
N GLU A 159 -57.69 16.48 22.64
CA GLU A 159 -58.54 15.36 23.04
C GLU A 159 -59.05 14.62 21.80
N ASN A 160 -59.48 15.37 20.77
CA ASN A 160 -59.99 14.78 19.53
C ASN A 160 -58.89 14.19 18.70
N LYS A 161 -57.72 14.81 18.68
CA LYS A 161 -56.59 14.28 17.92
C LYS A 161 -56.17 12.91 18.42
N GLN A 162 -56.28 12.64 19.74
CA GLN A 162 -55.88 11.33 20.28
C GLN A 162 -56.82 10.22 19.81
N ILE A 163 -58.14 10.50 19.77
CA ILE A 163 -59.14 9.55 19.29
C ILE A 163 -59.02 9.35 17.77
N ILE A 164 -58.74 10.45 17.02
CA ILE A 164 -58.54 10.37 15.56
C ILE A 164 -57.30 9.51 15.29
N ARG A 165 -56.22 9.71 16.06
CA ARG A 165 -54.97 8.96 15.94
C ARG A 165 -55.22 7.48 16.14
N LYS A 166 -56.00 7.12 17.19
CA LYS A 166 -56.33 5.72 17.49
C LYS A 166 -57.08 5.04 16.34
N HIS A 167 -58.21 5.63 15.91
CA HIS A 167 -59.04 5.06 14.82
C HIS A 167 -58.28 4.98 13.49
N ALA A 168 -57.58 6.05 13.10
CA ALA A 168 -56.79 6.07 11.87
C ALA A 168 -55.74 4.95 11.84
N GLN A 169 -55.06 4.71 12.97
CA GLN A 169 -54.06 3.66 13.05
C GLN A 169 -54.64 2.26 12.93
N THR A 170 -55.85 2.09 13.47
CA THR A 170 -56.59 0.81 13.33
C THR A 170 -56.90 0.59 11.85
N PHE A 171 -57.33 1.65 11.16
CA PHE A 171 -57.66 1.61 9.71
C PHE A 171 -56.40 1.28 8.90
N VAL A 172 -55.26 1.87 9.28
CA VAL A 172 -53.98 1.63 8.57
C VAL A 172 -53.61 0.15 8.70
N ALA A 173 -53.78 -0.42 9.90
CA ALA A 173 -53.46 -1.84 10.14
C ALA A 173 -54.39 -2.72 9.31
N LEU A 174 -55.68 -2.37 9.25
CA LEU A 174 -56.68 -3.15 8.48
C LEU A 174 -56.32 -3.10 6.99
N CYS A 175 -55.95 -1.91 6.51
CA CYS A 175 -55.59 -1.64 5.10
C CYS A 175 -54.34 -2.43 4.70
N ALA A 176 -53.38 -2.56 5.62
CA ALA A 176 -52.09 -3.26 5.37
C ALA A 176 -52.31 -4.72 5.00
N THR A 177 -53.30 -5.37 5.61
CA THR A 177 -53.61 -6.80 5.32
C THR A 177 -54.08 -6.95 3.86
N ASP A 178 -54.81 -5.97 3.34
CA ASP A 178 -55.35 -6.00 1.95
C ASP A 178 -54.34 -5.49 0.91
N VAL A 179 -54.52 -5.92 -0.34
CA VAL A 179 -53.75 -5.52 -1.53
C VAL A 179 -53.78 -4.03 -1.84
N LYS A 180 -54.72 -3.27 -1.25
CA LYS A 180 -54.79 -1.83 -1.47
C LYS A 180 -53.64 -1.05 -0.77
N PHE A 181 -52.93 -1.70 0.15
CA PHE A 181 -51.73 -1.14 0.77
C PHE A 181 -50.57 -1.08 -0.26
N ILE A 182 -50.59 -1.97 -1.29
CA ILE A 182 -49.56 -2.03 -2.31
C ILE A 182 -49.69 -0.87 -3.31
N SER A 183 -50.89 -0.63 -3.79
CA SER A 183 -51.15 0.40 -4.79
C SER A 183 -51.10 1.84 -4.26
N ASN A 184 -51.63 2.06 -3.05
CA ASN A 184 -51.64 3.39 -2.49
C ASN A 184 -50.41 3.64 -1.66
N PRO A 185 -49.73 4.78 -1.91
CA PRO A 185 -48.57 5.14 -1.10
C PRO A 185 -48.96 5.39 0.37
N PRO A 186 -48.02 5.29 1.33
CA PRO A 186 -48.39 5.51 2.74
C PRO A 186 -49.12 6.83 3.05
N SER A 187 -48.80 7.91 2.33
CA SER A 187 -49.48 9.20 2.52
C SER A 187 -50.98 9.05 2.19
N MET A 188 -51.29 8.30 1.12
CA MET A 188 -52.65 8.03 0.67
C MET A 188 -53.38 7.17 1.69
N VAL A 189 -52.75 6.07 2.16
CA VAL A 189 -53.35 5.19 3.15
C VAL A 189 -53.67 5.98 4.44
N ALA A 190 -52.76 6.89 4.83
CA ALA A 190 -52.89 7.74 6.01
C ALA A 190 -54.03 8.74 5.85
N ALA A 191 -54.14 9.41 4.67
CA ALA A 191 -55.20 10.39 4.43
C ALA A 191 -56.56 9.70 4.34
N GLY A 192 -56.62 8.54 3.70
CA GLY A 192 -57.83 7.76 3.59
C GLY A 192 -58.30 7.28 4.95
N SER A 193 -57.36 6.89 5.83
CA SER A 193 -57.64 6.41 7.19
C SER A 193 -58.05 7.55 8.13
N VAL A 194 -57.44 8.73 7.99
CA VAL A 194 -57.83 9.89 8.78
C VAL A 194 -59.23 10.32 8.39
N VAL A 195 -59.53 10.36 7.08
CA VAL A 195 -60.87 10.72 6.60
C VAL A 195 -61.90 9.69 7.07
N ALA A 196 -61.63 8.39 6.89
CA ALA A 196 -62.53 7.35 7.37
C ALA A 196 -62.79 7.46 8.88
N ALA A 197 -61.73 7.74 9.69
CA ALA A 197 -61.83 7.94 11.14
C ALA A 197 -62.66 9.17 11.53
N VAL A 198 -62.40 10.35 10.93
CA VAL A 198 -63.13 11.56 11.23
C VAL A 198 -64.58 11.47 10.77
N GLN A 199 -64.84 10.80 9.63
CA GLN A 199 -66.21 10.61 9.17
C GLN A 199 -67.01 9.79 10.19
N GLY A 200 -66.41 8.71 10.69
CA GLY A 200 -67.01 7.85 11.69
C GLY A 200 -67.25 8.57 13.00
N LEU A 201 -66.28 9.37 13.45
CA LEU A 201 -66.38 10.11 14.70
C LEU A 201 -67.42 11.21 14.61
N ASN A 202 -67.54 11.86 13.44
CA ASN A 202 -68.54 12.88 13.24
C ASN A 202 -69.94 12.28 13.14
N LEU A 203 -70.08 11.06 12.59
CA LEU A 203 -71.38 10.39 12.53
C LEU A 203 -71.87 10.10 13.96
N ARG A 204 -70.97 9.68 14.86
CA ARG A 204 -71.30 9.41 16.26
C ARG A 204 -71.58 10.69 17.07
N SER A 205 -70.86 11.78 16.75
CA SER A 205 -71.01 13.07 17.41
C SER A 205 -71.03 14.20 16.36
N PRO A 206 -72.20 14.53 15.79
CA PRO A 206 -72.25 15.55 14.71
C PRO A 206 -71.70 16.94 15.06
N ASN A 207 -71.76 17.33 16.34
CA ASN A 207 -71.23 18.62 16.79
C ASN A 207 -69.75 18.62 17.14
N ASN A 208 -69.09 17.48 17.03
CA ASN A 208 -67.68 17.39 17.30
C ASN A 208 -66.97 16.86 16.05
N PHE A 209 -65.62 16.87 16.04
CA PHE A 209 -64.85 16.37 14.89
C PHE A 209 -65.24 17.13 13.61
N LEU A 210 -65.35 18.46 13.71
CA LEU A 210 -65.79 19.30 12.60
C LEU A 210 -64.77 19.40 11.44
N SER A 211 -63.60 18.72 11.56
CA SER A 211 -62.65 18.60 10.47
C SER A 211 -63.20 17.75 9.31
N TYR A 212 -64.31 17.01 9.52
CA TYR A 212 -64.92 16.14 8.52
C TYR A 212 -65.22 16.90 7.24
N TYR A 213 -65.70 18.14 7.39
CA TYR A 213 -66.19 18.97 6.31
C TYR A 213 -65.17 19.15 5.23
N ARG A 214 -65.37 18.45 4.10
CA ARG A 214 -64.44 18.56 2.94
C ARG A 214 -63.00 18.21 3.35
N LEU A 215 -62.83 17.27 4.27
CA LEU A 215 -61.51 16.83 4.68
C LEU A 215 -60.75 16.10 3.57
N THR A 216 -61.47 15.46 2.64
CA THR A 216 -60.81 14.80 1.52
C THR A 216 -60.09 15.81 0.64
N ARG A 217 -60.77 16.91 0.31
CA ARG A 217 -60.19 17.99 -0.48
C ARG A 217 -59.07 18.64 0.32
N PHE A 218 -59.28 18.89 1.61
CA PHE A 218 -58.24 19.47 2.48
C PHE A 218 -56.94 18.64 2.48
N LEU A 219 -57.02 17.33 2.77
CA LEU A 219 -55.85 16.45 2.82
C LEU A 219 -55.23 16.19 1.44
N SER A 220 -56.01 16.32 0.35
CA SER A 220 -55.51 16.20 -1.03
C SER A 220 -54.67 17.42 -1.40
N ARG A 221 -54.90 18.58 -0.78
CA ARG A 221 -54.09 19.77 -1.03
C ARG A 221 -52.73 19.61 -0.34
N VAL A 222 -52.67 18.92 0.83
CA VAL A 222 -51.45 18.65 1.60
C VAL A 222 -50.55 17.65 0.84
N ILE A 223 -51.13 16.59 0.30
CA ILE A 223 -50.42 15.57 -0.46
C ILE A 223 -50.22 15.95 -1.95
N LYS A 224 -51.00 16.90 -2.45
CA LYS A 224 -51.02 17.31 -3.85
C LYS A 224 -51.49 16.16 -4.74
N CYS A 225 -52.53 15.43 -4.26
CA CYS A 225 -53.13 14.31 -4.99
C CYS A 225 -54.52 14.65 -5.56
N ASP A 226 -55.13 13.73 -6.32
CA ASP A 226 -56.46 13.95 -6.87
C ASP A 226 -57.47 13.63 -5.78
N PRO A 227 -58.42 14.54 -5.48
CA PRO A 227 -59.43 14.23 -4.45
C PRO A 227 -60.25 12.98 -4.75
N ASP A 228 -60.41 12.64 -6.04
CA ASP A 228 -61.14 11.46 -6.45
C ASP A 228 -60.40 10.20 -6.00
N CYS A 229 -59.07 10.20 -6.08
CA CYS A 229 -58.28 9.04 -5.67
C CYS A 229 -58.30 8.86 -4.16
N LEU A 230 -58.25 9.98 -3.42
CA LEU A 230 -58.36 9.90 -1.97
C LEU A 230 -59.76 9.42 -1.56
N ARG A 231 -60.81 9.86 -2.27
CA ARG A 231 -62.18 9.42 -2.01
C ARG A 231 -62.31 7.91 -2.28
N ALA A 232 -61.78 7.43 -3.43
CA ALA A 232 -61.77 6.01 -3.75
C ALA A 232 -61.03 5.22 -2.67
N CYS A 233 -59.89 5.75 -2.20
CA CYS A 233 -59.10 5.12 -1.14
C CYS A 233 -59.93 5.02 0.15
N GLN A 234 -60.56 6.13 0.58
CA GLN A 234 -61.41 6.18 1.76
C GLN A 234 -62.53 5.15 1.68
N GLU A 235 -63.21 5.06 0.53
CA GLU A 235 -64.28 4.10 0.32
C GLU A 235 -63.77 2.66 0.41
N GLN A 236 -62.57 2.37 -0.15
CA GLN A 236 -61.94 1.05 -0.08
C GLN A 236 -61.67 0.65 1.37
N ILE A 237 -61.18 1.60 2.18
CA ILE A 237 -60.86 1.39 3.58
C ILE A 237 -62.13 1.14 4.41
N GLU A 238 -63.20 1.87 4.10
CA GLU A 238 -64.48 1.72 4.81
C GLU A 238 -65.19 0.40 4.45
N ALA A 239 -65.07 -0.04 3.19
CA ALA A 239 -65.63 -1.31 2.75
C ALA A 239 -64.91 -2.49 3.44
N LEU A 240 -63.61 -2.32 3.72
CA LEU A 240 -62.77 -3.32 4.39
C LEU A 240 -63.20 -3.47 5.86
N LEU A 241 -63.56 -2.36 6.51
CA LEU A 241 -63.99 -2.31 7.91
C LEU A 241 -65.27 -3.11 8.12
N GLU A 242 -66.19 -3.08 7.13
CA GLU A 242 -67.46 -3.80 7.19
C GLU A 242 -67.29 -5.32 7.29
N SER A 243 -66.29 -5.86 6.59
CA SER A 243 -65.99 -7.30 6.61
C SER A 243 -65.37 -7.71 7.95
N SER B 4 -26.35 -1.83 -8.49
CA SER B 4 -25.47 -2.04 -9.65
C SER B 4 -24.20 -2.85 -9.27
N ARG B 5 -23.41 -3.33 -10.26
CA ARG B 5 -22.17 -4.06 -9.97
C ARG B 5 -20.99 -3.26 -10.50
N TYR B 6 -20.71 -2.17 -9.80
CA TYR B 6 -19.69 -1.16 -10.05
C TYR B 6 -18.33 -1.82 -10.24
N GLU B 7 -17.69 -1.52 -11.38
CA GLU B 7 -16.37 -2.05 -11.70
C GLU B 7 -15.33 -1.04 -11.26
N PRO B 8 -14.31 -1.46 -10.50
CA PRO B 8 -13.32 -0.50 -10.00
C PRO B 8 -12.45 0.09 -11.08
N VAL B 9 -12.00 1.32 -10.86
CA VAL B 9 -11.17 2.05 -11.80
C VAL B 9 -9.81 2.32 -11.14
N ALA B 10 -9.84 2.91 -9.95
CA ALA B 10 -8.59 3.23 -9.22
C ALA B 10 -8.85 3.18 -7.72
N GLU B 11 -7.84 3.54 -6.92
CA GLU B 11 -7.95 3.56 -5.44
C GLU B 11 -7.94 5.03 -4.99
N ILE B 12 -9.01 5.50 -4.36
CA ILE B 12 -9.08 6.92 -3.89
C ILE B 12 -8.04 7.17 -2.80
N GLY B 13 -7.89 6.24 -1.85
CA GLY B 13 -6.91 6.41 -0.77
C GLY B 13 -7.39 5.85 0.56
N VAL B 14 -6.57 5.95 1.60
CA VAL B 14 -6.91 5.43 2.95
C VAL B 14 -6.87 6.59 3.95
N GLY B 18 -11.64 2.36 5.80
CA GLY B 18 -10.17 2.27 5.73
C GLY B 18 -9.66 2.54 4.32
N THR B 19 -10.03 1.69 3.35
CA THR B 19 -9.61 1.87 1.94
C THR B 19 -10.81 2.23 1.09
N VAL B 20 -10.72 3.32 0.32
CA VAL B 20 -11.82 3.81 -0.55
C VAL B 20 -11.39 3.63 -2.01
N TYR B 21 -12.24 3.04 -2.84
CA TYR B 21 -11.91 2.82 -4.27
C TYR B 21 -12.83 3.64 -5.18
N LYS B 22 -12.35 3.95 -6.38
CA LYS B 22 -13.17 4.68 -7.40
C LYS B 22 -13.69 3.64 -8.39
N ALA B 23 -14.96 3.75 -8.78
CA ALA B 23 -15.56 2.77 -9.70
C ALA B 23 -16.53 3.49 -10.63
N ARG B 24 -16.81 2.90 -11.79
CA ARG B 24 -17.75 3.53 -12.75
C ARG B 24 -19.08 2.81 -12.63
N ASP B 25 -20.18 3.56 -12.52
CA ASP B 25 -21.53 2.93 -12.42
C ASP B 25 -21.83 2.35 -13.79
N PRO B 26 -22.07 1.03 -13.90
CA PRO B 26 -22.19 0.36 -15.18
C PRO B 26 -23.35 0.91 -16.01
N HIS B 27 -24.46 1.29 -15.37
CA HIS B 27 -25.52 1.86 -16.22
C HIS B 27 -25.37 3.39 -16.37
N SER B 28 -25.36 4.12 -15.27
CA SER B 28 -25.25 5.59 -15.34
C SER B 28 -23.93 6.03 -15.99
N GLY B 29 -22.82 5.35 -15.68
CA GLY B 29 -21.51 5.73 -16.23
C GLY B 29 -20.78 6.73 -15.36
N HIS B 30 -21.44 7.21 -14.31
CA HIS B 30 -20.91 8.18 -13.31
C HIS B 30 -19.92 7.45 -12.41
N PHE B 31 -18.90 8.15 -11.94
CA PHE B 31 -17.94 7.51 -11.00
C PHE B 31 -18.54 7.51 -9.60
N VAL B 32 -18.13 6.55 -8.77
CA VAL B 32 -18.63 6.43 -7.37
C VAL B 32 -17.45 6.09 -6.45
N ALA B 33 -17.63 6.28 -5.15
CA ALA B 33 -16.57 5.95 -4.16
C ALA B 33 -17.08 4.80 -3.29
N LEU B 34 -16.29 3.72 -3.17
CA LEU B 34 -16.73 2.54 -2.39
C LEU B 34 -15.96 2.49 -1.07
N LYS B 35 -16.70 2.44 0.04
CA LYS B 35 -16.09 2.34 1.39
C LYS B 35 -16.61 1.03 2.01
N SER B 36 -15.72 0.20 2.51
CA SER B 36 -16.14 -1.10 3.11
C SER B 36 -15.88 -1.08 4.61
N VAL B 37 -16.89 -1.47 5.39
CA VAL B 37 -16.75 -1.51 6.87
C VAL B 37 -17.03 -2.95 7.34
N ARG B 38 -16.41 -3.36 8.44
CA ARG B 38 -16.62 -4.71 8.99
C ARG B 38 -17.39 -4.58 10.30
N VAL B 39 -18.51 -5.30 10.41
CA VAL B 39 -19.35 -5.27 11.64
C VAL B 39 -19.49 -6.71 12.14
N PRO B 40 -19.66 -6.94 13.46
CA PRO B 40 -19.77 -8.29 13.99
C PRO B 40 -21.08 -8.97 13.59
N ASN B 41 -21.02 -10.29 13.40
CA ASN B 41 -22.20 -11.13 13.07
C ASN B 41 -22.63 -11.85 14.34
N GLY B 42 -23.59 -11.27 15.07
CA GLY B 42 -24.07 -11.83 16.36
C GLY B 42 -25.21 -12.81 16.20
N GLU B 43 -25.76 -13.26 17.34
CA GLU B 43 -26.92 -14.18 17.41
C GLU B 43 -28.14 -13.49 16.80
N GLU B 44 -28.20 -12.15 16.91
CA GLU B 44 -29.35 -11.36 16.39
C GLU B 44 -29.03 -10.82 14.99
N GLY B 45 -28.12 -11.50 14.27
CA GLY B 45 -27.71 -11.16 12.90
C GLY B 45 -27.05 -9.81 12.77
N LEU B 46 -27.53 -8.97 11.86
CA LEU B 46 -26.94 -7.63 11.65
C LEU B 46 -27.03 -6.84 12.96
N PRO B 47 -25.98 -6.12 13.38
CA PRO B 47 -26.02 -5.35 14.61
C PRO B 47 -27.13 -4.30 14.47
N ILE B 48 -27.90 -4.09 15.54
CA ILE B 48 -29.05 -3.14 15.50
C ILE B 48 -28.54 -1.73 15.18
N SER B 49 -27.40 -1.33 15.74
CA SER B 49 -26.81 0.01 15.48
C SER B 49 -26.47 0.13 13.98
N THR B 50 -25.92 -0.93 13.38
CA THR B 50 -25.56 -0.90 11.94
C THR B 50 -26.82 -0.75 11.07
N VAL B 51 -27.87 -1.52 11.35
CA VAL B 51 -29.11 -1.40 10.63
C VAL B 51 -29.70 0.02 10.73
N ARG B 52 -29.82 0.55 11.96
CA ARG B 52 -30.38 1.91 12.23
C ARG B 52 -29.51 3.05 11.66
N GLU B 53 -28.19 2.99 11.86
CA GLU B 53 -27.28 4.05 11.43
C GLU B 53 -27.20 4.18 9.91
N VAL B 54 -27.02 3.07 9.20
CA VAL B 54 -26.94 3.11 7.70
C VAL B 54 -28.30 3.54 7.13
N ALA B 55 -29.40 3.02 7.68
CA ALA B 55 -30.76 3.37 7.20
C ALA B 55 -31.00 4.87 7.37
N LEU B 56 -30.60 5.43 8.52
CA LEU B 56 -30.76 6.87 8.81
C LEU B 56 -29.95 7.71 7.82
N LEU B 57 -28.76 7.22 7.42
CA LEU B 57 -27.92 7.92 6.42
C LEU B 57 -28.67 7.95 5.08
N ARG B 58 -29.33 6.84 4.74
CA ARG B 58 -30.15 6.69 3.50
C ARG B 58 -31.33 7.65 3.55
N ARG B 59 -31.90 7.86 4.74
CA ARG B 59 -33.04 8.77 4.99
C ARG B 59 -32.67 10.20 4.62
N LEU B 60 -31.42 10.61 4.87
CA LEU B 60 -30.89 11.98 4.58
C LEU B 60 -30.93 12.32 3.10
N GLU B 61 -30.86 11.33 2.19
CA GLU B 61 -30.87 11.55 0.71
C GLU B 61 -32.15 12.22 0.23
N ALA B 62 -33.29 12.01 0.91
CA ALA B 62 -34.58 12.62 0.54
C ALA B 62 -34.48 14.15 0.57
N PHE B 63 -33.77 14.68 1.56
CA PHE B 63 -33.61 16.16 1.73
C PHE B 63 -32.85 16.75 0.53
N GLU B 64 -31.99 15.94 -0.11
CA GLU B 64 -31.19 16.35 -1.29
C GLU B 64 -30.32 17.56 -0.95
N HIS B 65 -29.72 17.58 0.25
CA HIS B 65 -28.87 18.73 0.65
C HIS B 65 -27.65 18.81 -0.27
N PRO B 66 -27.32 20.01 -0.79
CA PRO B 66 -26.19 20.18 -1.71
C PRO B 66 -24.79 20.09 -1.07
N ASN B 67 -24.70 20.31 0.25
CA ASN B 67 -23.40 20.34 0.96
C ASN B 67 -23.01 18.99 1.56
N VAL B 68 -23.80 17.92 1.33
CA VAL B 68 -23.45 16.58 1.89
C VAL B 68 -23.24 15.59 0.74
N VAL B 69 -22.37 14.61 0.95
CA VAL B 69 -22.08 13.53 -0.04
C VAL B 69 -23.32 12.62 -0.08
N ARG B 70 -23.66 12.09 -1.25
CA ARG B 70 -24.86 11.23 -1.39
C ARG B 70 -24.51 9.73 -1.40
N LEU B 71 -25.13 8.97 -0.49
CA LEU B 71 -25.02 7.53 -0.35
C LEU B 71 -26.07 6.94 -1.26
N MET B 72 -25.64 6.45 -2.42
CA MET B 72 -26.61 5.95 -3.44
C MET B 72 -26.82 4.44 -3.37
N ASP B 73 -25.88 3.68 -2.81
CA ASP B 73 -26.10 2.21 -2.73
C ASP B 73 -25.40 1.63 -1.50
N VAL B 74 -26.00 0.61 -0.89
CA VAL B 74 -25.40 -0.11 0.28
C VAL B 74 -25.58 -1.62 0.05
N CYS B 75 -24.54 -2.42 0.27
CA CYS B 75 -24.71 -3.89 0.10
C CYS B 75 -23.88 -4.65 1.14
N ALA B 76 -24.47 -5.69 1.74
CA ALA B 76 -23.74 -6.58 2.67
C ALA B 76 -23.11 -7.66 1.78
N THR B 77 -22.01 -7.30 1.11
CA THR B 77 -21.30 -8.15 0.12
C THR B 77 -20.77 -9.45 0.75
N SER B 78 -20.19 -9.39 1.95
CA SER B 78 -19.63 -10.63 2.55
C SER B 78 -20.32 -10.97 3.88
N ARG B 79 -20.23 -12.24 4.26
CA ARG B 79 -20.78 -12.76 5.49
C ARG B 79 -20.02 -14.03 5.89
N THR B 80 -19.55 -14.05 7.14
CA THR B 80 -18.91 -15.18 7.82
C THR B 80 -19.64 -15.33 9.19
N ASP B 81 -19.27 -16.30 10.03
CA ASP B 81 -19.92 -16.46 11.34
C ASP B 81 -19.55 -15.35 12.33
N ARG B 82 -18.38 -14.74 12.13
CA ARG B 82 -17.84 -13.69 13.04
C ARG B 82 -17.92 -12.28 12.45
N GLU B 83 -18.19 -12.13 11.15
CA GLU B 83 -18.21 -10.81 10.52
C GLU B 83 -19.07 -10.65 9.28
N ILE B 84 -19.61 -9.43 9.12
CA ILE B 84 -20.43 -9.06 7.93
C ILE B 84 -19.75 -7.86 7.29
N LYS B 85 -19.48 -7.92 5.98
CA LYS B 85 -18.82 -6.78 5.29
C LYS B 85 -19.90 -5.95 4.59
N VAL B 86 -19.97 -4.66 4.90
CA VAL B 86 -20.98 -3.74 4.29
C VAL B 86 -20.25 -2.78 3.35
N THR B 87 -20.70 -2.69 2.10
CA THR B 87 -20.09 -1.78 1.11
C THR B 87 -21.01 -0.59 0.91
N LEU B 88 -20.48 0.62 1.07
CA LEU B 88 -21.28 1.86 0.91
C LEU B 88 -20.88 2.53 -0.41
N VAL B 89 -21.85 2.84 -1.26
CA VAL B 89 -21.58 3.50 -2.57
C VAL B 89 -22.00 4.96 -2.48
N PHE B 90 -21.04 5.87 -2.72
CA PHE B 90 -21.28 7.33 -2.65
C PHE B 90 -20.91 7.96 -4.00
N GLU B 91 -21.62 9.03 -4.38
CA GLU B 91 -21.29 9.74 -5.64
C GLU B 91 -19.86 10.28 -5.49
N HIS B 92 -19.02 10.12 -6.52
CA HIS B 92 -17.60 10.53 -6.45
C HIS B 92 -17.42 12.06 -6.45
N VAL B 93 -16.50 12.55 -5.63
CA VAL B 93 -16.09 13.98 -5.55
C VAL B 93 -14.61 14.00 -5.94
N ASP B 94 -14.24 14.81 -6.93
CA ASP B 94 -12.86 14.78 -7.48
C ASP B 94 -11.76 15.14 -6.48
N GLN B 95 -11.98 16.10 -5.57
CA GLN B 95 -10.87 16.48 -4.67
C GLN B 95 -11.34 16.74 -3.23
N ASP B 96 -10.40 16.78 -2.29
CA ASP B 96 -10.67 17.08 -0.86
C ASP B 96 -10.15 18.49 -0.56
N LEU B 97 -10.63 19.11 0.52
CA LEU B 97 -10.24 20.49 0.87
C LEU B 97 -8.72 20.64 0.93
N ARG B 98 -8.01 19.69 1.56
CA ARG B 98 -6.55 19.79 1.70
C ARG B 98 -5.92 19.97 0.33
N THR B 99 -6.31 19.11 -0.62
CA THR B 99 -5.76 19.18 -2.01
C THR B 99 -6.11 20.56 -2.60
N TYR B 100 -7.34 21.01 -2.37
CA TYR B 100 -7.81 22.33 -2.90
C TYR B 100 -6.97 23.46 -2.31
N LEU B 101 -6.70 23.42 -1.00
CA LEU B 101 -5.89 24.47 -0.33
C LEU B 101 -4.44 24.44 -0.85
N ASP B 102 -3.86 23.23 -0.97
CA ASP B 102 -2.45 23.05 -1.41
C ASP B 102 -2.26 23.53 -2.86
N LYS B 103 -3.21 23.22 -3.75
CA LYS B 103 -3.11 23.57 -5.18
C LYS B 103 -3.07 25.10 -5.38
N ALA B 104 -3.84 25.85 -4.59
CA ALA B 104 -3.94 27.32 -4.79
C ALA B 104 -2.56 27.98 -4.71
N PRO B 105 -2.19 28.82 -5.72
CA PRO B 105 -0.91 29.51 -5.74
C PRO B 105 -0.89 30.72 -4.77
N PRO B 106 0.30 31.23 -4.39
CA PRO B 106 0.40 32.37 -3.47
C PRO B 106 -0.20 33.66 -4.06
N PRO B 107 -0.75 34.62 -3.28
CA PRO B 107 -0.71 34.65 -1.80
C PRO B 107 -1.55 33.61 -1.03
N GLY B 108 -2.75 33.35 -1.52
CA GLY B 108 -3.65 32.37 -0.89
C GLY B 108 -5.05 32.44 -1.48
N LEU B 109 -5.99 31.70 -0.91
CA LEU B 109 -7.39 31.73 -1.40
C LEU B 109 -7.97 33.12 -1.14
N PRO B 110 -8.75 33.70 -2.08
CA PRO B 110 -9.38 35.01 -1.87
C PRO B 110 -10.33 34.97 -0.66
N ALA B 111 -10.50 36.11 0.01
CA ALA B 111 -11.36 36.20 1.21
C ALA B 111 -12.79 35.81 0.85
N GLU B 112 -13.29 36.25 -0.31
CA GLU B 112 -14.67 35.92 -0.75
C GLU B 112 -14.82 34.39 -0.89
N THR B 113 -13.81 33.73 -1.45
CA THR B 113 -13.78 32.28 -1.66
C THR B 113 -13.85 31.57 -0.31
N ILE B 114 -13.08 32.04 0.67
CA ILE B 114 -13.06 31.50 2.01
C ILE B 114 -14.44 31.62 2.67
N LYS B 115 -15.08 32.80 2.57
CA LYS B 115 -16.41 33.02 3.15
C LYS B 115 -17.47 32.10 2.53
N ASP B 116 -17.40 31.90 1.20
CA ASP B 116 -18.34 31.04 0.47
C ASP B 116 -18.11 29.58 0.89
N LEU B 117 -16.85 29.17 1.01
CA LEU B 117 -16.53 27.78 1.45
C LEU B 117 -17.04 27.58 2.88
N MET B 118 -16.85 28.57 3.74
CA MET B 118 -17.30 28.52 5.13
C MET B 118 -18.83 28.48 5.22
N ARG B 119 -19.52 29.24 4.38
CA ARG B 119 -20.99 29.24 4.37
C ARG B 119 -21.51 27.87 3.97
N GLN B 120 -20.92 27.24 2.93
CA GLN B 120 -21.31 25.91 2.47
C GLN B 120 -20.98 24.84 3.50
N PHE B 121 -19.80 24.93 4.13
CA PHE B 121 -19.38 24.02 5.19
C PHE B 121 -20.38 24.08 6.35
N LEU B 122 -20.74 25.29 6.78
CA LEU B 122 -21.68 25.49 7.87
C LEU B 122 -23.12 25.11 7.50
N ARG B 123 -23.52 25.26 6.23
CA ARG B 123 -24.84 24.84 5.79
C ARG B 123 -24.95 23.32 5.88
N GLY B 124 -23.90 22.62 5.44
CA GLY B 124 -23.85 21.17 5.51
C GLY B 124 -23.75 20.66 6.93
N LEU B 125 -22.94 21.32 7.74
CA LEU B 125 -22.79 20.91 9.15
C LEU B 125 -24.08 21.13 9.95
N ASP B 126 -24.80 22.20 9.67
CA ASP B 126 -26.06 22.46 10.40
C ASP B 126 -27.10 21.40 10.07
N PHE B 127 -27.16 20.98 8.81
CA PHE B 127 -28.11 19.93 8.36
C PHE B 127 -27.81 18.64 9.12
N LEU B 128 -26.55 18.28 9.27
CA LEU B 128 -26.19 17.06 10.02
C LEU B 128 -26.60 17.25 11.47
N HIS B 129 -26.35 18.44 12.01
CA HIS B 129 -26.65 18.78 13.42
C HIS B 129 -28.15 18.68 13.65
N ALA B 130 -28.94 19.14 12.68
CA ALA B 130 -30.41 19.10 12.73
C ALA B 130 -30.94 17.66 12.67
N ASN B 131 -30.22 16.76 12.02
CA ASN B 131 -30.70 15.36 11.84
C ASN B 131 -30.02 14.43 12.86
N CYS B 132 -29.65 14.98 14.01
CA CYS B 132 -29.05 14.30 15.15
C CYS B 132 -27.72 13.62 14.88
N ILE B 133 -27.00 14.12 13.87
CA ILE B 133 -25.68 13.61 13.54
C ILE B 133 -24.60 14.60 13.93
N VAL B 134 -23.55 14.06 14.56
CA VAL B 134 -22.32 14.80 14.95
C VAL B 134 -21.19 14.10 14.19
N HIS B 135 -20.46 14.82 13.34
CA HIS B 135 -19.41 14.17 12.51
C HIS B 135 -18.35 13.55 13.43
N ARG B 136 -17.81 14.36 14.33
CA ARG B 136 -16.85 13.96 15.40
C ARG B 136 -15.41 13.82 14.87
N ASP B 137 -15.23 13.88 13.55
CA ASP B 137 -13.87 13.76 12.97
C ASP B 137 -13.75 14.73 11.79
N LEU B 138 -14.28 15.95 11.92
CA LEU B 138 -14.23 16.92 10.80
C LEU B 138 -12.76 17.22 10.49
N LYS B 139 -12.38 17.14 9.21
CA LYS B 139 -11.00 17.39 8.75
C LYS B 139 -11.04 17.84 7.29
N PRO B 140 -9.96 18.44 6.74
CA PRO B 140 -9.92 18.85 5.34
C PRO B 140 -10.04 17.63 4.42
N GLU B 141 -9.46 16.50 4.80
CA GLU B 141 -9.53 15.25 4.00
C GLU B 141 -10.98 14.80 3.85
N ASN B 142 -11.78 14.88 4.91
CA ASN B 142 -13.20 14.45 4.84
C ASN B 142 -14.10 15.58 4.31
N ILE B 143 -13.57 16.80 4.16
CA ILE B 143 -14.41 17.88 3.57
C ILE B 143 -14.11 17.87 2.07
N LEU B 144 -14.99 17.26 1.28
CA LEU B 144 -14.78 17.11 -0.18
C LEU B 144 -15.18 18.38 -0.94
N VAL B 145 -14.49 18.64 -2.05
CA VAL B 145 -14.79 19.81 -2.92
C VAL B 145 -15.01 19.31 -4.35
N THR B 146 -16.14 19.69 -4.94
CA THR B 146 -16.51 19.32 -6.34
C THR B 146 -15.74 20.18 -7.35
N SER B 147 -15.83 19.83 -8.64
CA SER B 147 -15.18 20.58 -9.75
C SER B 147 -15.72 22.02 -9.80
N GLY B 148 -17.02 22.18 -9.56
CA GLY B 148 -17.73 23.48 -9.54
C GLY B 148 -17.41 24.34 -8.32
N GLY B 149 -16.77 23.76 -7.30
CA GLY B 149 -16.41 24.50 -6.06
C GLY B 149 -17.40 24.23 -4.93
N THR B 150 -18.42 23.41 -5.19
CA THR B 150 -19.40 23.06 -4.12
C THR B 150 -18.68 22.22 -3.07
N VAL B 151 -18.96 22.47 -1.79
CA VAL B 151 -18.30 21.71 -0.68
C VAL B 151 -19.30 20.67 -0.17
N LYS B 152 -18.90 19.40 -0.10
CA LYS B 152 -19.79 18.31 0.38
C LYS B 152 -19.13 17.55 1.53
N LEU B 153 -19.80 17.45 2.67
CA LEU B 153 -19.23 16.72 3.84
C LEU B 153 -19.35 15.22 3.63
N ALA B 154 -18.37 14.44 4.09
CA ALA B 154 -18.35 12.98 3.90
C ALA B 154 -17.82 12.27 5.16
N ASP B 155 -17.98 10.94 5.21
CA ASP B 155 -17.50 10.07 6.32
C ASP B 155 -18.10 10.45 7.67
N PHE B 156 -19.43 10.57 7.77
CA PHE B 156 -20.10 10.90 9.04
C PHE B 156 -21.26 9.92 9.31
N GLY B 157 -21.67 9.81 10.58
CA GLY B 157 -22.81 8.97 11.00
C GLY B 157 -22.51 7.48 11.08
N LEU B 158 -21.25 7.08 10.95
CA LEU B 158 -20.87 5.64 10.97
C LEU B 158 -20.05 5.31 12.23
N ALA B 159 -20.14 6.13 13.27
CA ALA B 159 -19.32 5.95 14.49
C ALA B 159 -19.57 4.58 15.15
N ARG B 160 -20.83 4.18 15.31
CA ARG B 160 -21.14 2.88 15.96
C ARG B 160 -20.48 1.72 15.19
N ILE B 161 -20.74 1.64 13.88
CA ILE B 161 -20.16 0.53 13.04
C ILE B 161 -18.64 0.69 12.92
N TYR B 162 -18.15 1.93 12.76
CA TYR B 162 -16.68 2.14 12.61
C TYR B 162 -15.94 1.71 13.88
N SER B 163 -16.53 1.96 15.04
CA SER B 163 -15.89 1.58 16.32
C SER B 163 -15.56 0.08 16.32
N TYR B 164 -16.58 -0.76 16.13
CA TYR B 164 -16.36 -2.23 16.16
C TYR B 164 -16.22 -2.75 14.73
N VAL B 172 -2.23 6.81 15.08
CA VAL B 172 -3.10 6.24 14.03
C VAL B 172 -3.82 7.34 13.24
N VAL B 173 -4.40 8.32 13.94
CA VAL B 173 -5.14 9.43 13.35
C VAL B 173 -4.73 10.77 13.97
N THR B 174 -4.89 11.88 13.23
CA THR B 174 -4.50 13.21 13.73
C THR B 174 -5.46 13.80 14.76
N LEU B 175 -4.90 14.35 15.85
CA LEU B 175 -5.65 15.06 16.89
C LEU B 175 -5.70 16.57 16.64
N TRP B 176 -5.36 17.04 15.43
CA TRP B 176 -5.26 18.47 15.10
C TRP B 176 -6.56 19.24 15.16
N TYR B 177 -7.70 18.55 14.99
CA TYR B 177 -9.03 19.17 14.93
C TYR B 177 -9.97 18.77 16.07
N ARG B 178 -9.48 17.95 17.02
CA ARG B 178 -10.23 17.46 18.16
C ARG B 178 -10.52 18.57 19.17
N ALA B 179 -11.77 18.65 19.63
CA ALA B 179 -12.20 19.64 20.61
C ALA B 179 -11.57 19.35 21.97
N PRO B 180 -11.27 20.38 22.77
CA PRO B 180 -10.63 20.15 24.07
C PRO B 180 -11.34 19.16 24.99
N GLU B 181 -12.68 19.03 24.89
CA GLU B 181 -13.45 18.09 25.72
C GLU B 181 -13.11 16.65 25.39
N VAL B 182 -12.94 16.31 24.10
CA VAL B 182 -12.61 14.94 23.72
C VAL B 182 -11.15 14.60 24.09
N LEU B 183 -10.26 15.62 24.08
CA LEU B 183 -8.86 15.46 24.48
C LEU B 183 -8.79 15.28 26.01
N LEU B 184 -9.60 16.03 26.74
CA LEU B 184 -9.68 15.93 28.19
C LEU B 184 -10.54 14.71 28.64
N GLN B 185 -11.25 14.04 27.70
CA GLN B 185 -12.15 12.90 27.92
C GLN B 185 -13.28 13.27 28.87
N SER B 186 -13.81 14.49 28.71
CA SER B 186 -14.86 15.03 29.55
C SER B 186 -16.27 14.74 28.98
N THR B 187 -16.76 15.52 27.98
CA THR B 187 -18.10 15.31 27.44
C THR B 187 -18.12 15.36 25.92
N TYR B 188 -18.46 14.22 25.28
CA TYR B 188 -18.62 14.25 23.81
C TYR B 188 -19.87 15.09 23.55
N ALA B 189 -19.87 15.94 22.53
CA ALA B 189 -21.05 16.81 22.30
C ALA B 189 -21.13 17.28 20.84
N THR B 190 -22.25 17.92 20.50
CA THR B 190 -22.51 18.50 19.15
C THR B 190 -21.50 19.60 18.85
N PRO B 191 -21.11 20.47 19.82
CA PRO B 191 -20.13 21.54 19.60
C PRO B 191 -18.70 21.15 19.20
N VAL B 192 -18.32 19.87 19.35
CA VAL B 192 -16.94 19.42 18.98
C VAL B 192 -16.68 19.69 17.49
N ASP B 193 -17.69 19.52 16.62
CA ASP B 193 -17.54 19.79 15.16
C ASP B 193 -17.24 21.28 14.96
N MET B 194 -17.89 22.15 15.75
CA MET B 194 -17.70 23.62 15.63
C MET B 194 -16.23 23.97 15.94
N TRP B 195 -15.63 23.32 16.93
CA TRP B 195 -14.21 23.57 17.26
C TRP B 195 -13.35 23.22 16.04
N SER B 196 -13.66 22.09 15.39
CA SER B 196 -12.95 21.62 14.17
C SER B 196 -13.13 22.66 13.05
N VAL B 197 -14.32 23.26 12.95
CA VAL B 197 -14.61 24.29 11.92
C VAL B 197 -13.66 25.48 12.16
N GLY B 198 -13.45 25.86 13.43
CA GLY B 198 -12.52 26.97 13.74
C GLY B 198 -11.12 26.62 13.28
N CYS B 199 -10.68 25.39 13.55
CA CYS B 199 -9.37 24.92 13.09
C CYS B 199 -9.27 24.97 11.56
N ILE B 200 -10.32 24.55 10.83
CA ILE B 200 -10.37 24.54 9.36
C ILE B 200 -10.40 25.98 8.82
N PHE B 201 -11.22 26.83 9.44
CA PHE B 201 -11.38 28.24 9.08
C PHE B 201 -10.02 28.97 9.10
N ALA B 202 -9.28 28.86 10.23
CA ALA B 202 -7.96 29.47 10.38
C ALA B 202 -6.99 28.90 9.35
N GLU B 203 -7.04 27.58 9.12
CA GLU B 203 -6.19 26.87 8.16
C GLU B 203 -6.39 27.36 6.72
N MET B 204 -7.54 27.96 6.41
CA MET B 204 -7.78 28.49 5.07
C MET B 204 -6.95 29.75 4.82
N PHE B 205 -6.81 30.58 5.87
CA PHE B 205 -6.00 31.81 5.80
C PHE B 205 -4.48 31.53 5.77
N ARG B 206 -4.00 30.71 6.71
CA ARG B 206 -2.54 30.42 6.82
C ARG B 206 -2.08 29.25 5.95
N ARG B 207 -3.01 28.48 5.39
CA ARG B 207 -2.66 27.31 4.52
C ARG B 207 -1.76 26.32 5.28
N LYS B 208 -2.04 26.08 6.57
CA LYS B 208 -1.27 25.14 7.41
C LYS B 208 -2.17 24.78 8.60
N PRO B 209 -2.08 23.58 9.20
CA PRO B 209 -2.93 23.26 10.34
C PRO B 209 -2.61 24.25 11.48
N LEU B 210 -3.66 24.79 12.11
CA LEU B 210 -3.47 25.77 13.22
C LEU B 210 -2.79 25.10 14.42
N PHE B 211 -3.23 23.91 14.80
CA PHE B 211 -2.62 23.21 15.96
C PHE B 211 -2.12 21.83 15.55
N CYS B 212 -0.84 21.55 15.77
CA CYS B 212 -0.29 20.21 15.46
C CYS B 212 0.22 19.59 16.77
N GLY B 213 -0.45 18.55 17.24
CA GLY B 213 -0.08 17.89 18.50
C GLY B 213 0.12 16.40 18.31
N ASN B 214 1.23 15.86 18.84
CA ASN B 214 1.49 14.42 18.69
C ASN B 214 0.78 13.61 19.79
N SER B 215 0.63 14.20 20.98
CA SER B 215 -0.04 13.56 22.12
C SER B 215 -1.37 14.27 22.43
N GLU B 216 -2.25 13.62 23.20
CA GLU B 216 -3.52 14.19 23.63
C GLU B 216 -3.28 15.38 24.60
N ALA B 217 -2.17 15.39 25.35
CA ALA B 217 -1.76 16.45 26.27
C ALA B 217 -0.95 17.53 25.52
N ASP B 218 -0.19 17.12 24.49
CA ASP B 218 0.58 18.05 23.68
C ASP B 218 -0.36 18.91 22.83
N GLN B 219 -1.46 18.31 22.32
CA GLN B 219 -2.48 19.01 21.55
C GLN B 219 -3.15 20.07 22.42
N LEU B 220 -3.46 19.72 23.67
CA LEU B 220 -4.08 20.66 24.60
C LEU B 220 -3.14 21.82 24.90
N GLY B 221 -1.86 21.52 25.14
CA GLY B 221 -0.84 22.53 25.38
C GLY B 221 -0.71 23.51 24.22
N LYS B 222 -0.81 22.98 22.98
CA LYS B 222 -0.77 23.73 21.72
C LYS B 222 -1.99 24.67 21.61
N ILE B 223 -3.15 24.20 22.05
CA ILE B 223 -4.41 24.95 22.06
C ILE B 223 -4.30 26.11 23.05
N PHE B 224 -3.78 25.85 24.26
CA PHE B 224 -3.63 26.88 25.29
C PHE B 224 -2.58 27.92 24.95
N ASP B 225 -1.68 27.65 24.01
CA ASP B 225 -0.67 28.64 23.59
C ASP B 225 -1.35 29.82 22.85
N LEU B 226 -2.46 29.56 22.13
CA LEU B 226 -3.23 30.57 21.38
C LEU B 226 -4.39 31.08 22.23
N ILE B 227 -5.21 30.17 22.76
CA ILE B 227 -6.43 30.49 23.46
C ILE B 227 -6.25 30.87 24.94
N GLY B 228 -5.06 30.62 25.46
CA GLY B 228 -4.71 30.91 26.87
C GLY B 228 -5.07 29.73 27.76
N LEU B 229 -4.83 29.85 29.06
CA LEU B 229 -5.16 28.75 30.00
C LEU B 229 -6.54 29.02 30.61
N PRO B 230 -7.53 28.11 30.47
CA PRO B 230 -8.87 28.32 31.00
C PRO B 230 -8.90 28.43 32.53
N PRO B 231 -9.80 29.25 33.10
CA PRO B 231 -9.94 29.39 34.55
C PRO B 231 -10.59 28.15 35.18
N GLU B 232 -10.45 28.00 36.50
CA GLU B 232 -10.95 26.81 37.24
C GLU B 232 -12.46 26.64 37.02
N ASP B 233 -13.22 27.74 37.01
CA ASP B 233 -14.69 27.66 36.79
C ASP B 233 -14.95 27.05 35.41
N ASP B 234 -14.18 27.47 34.40
CA ASP B 234 -14.32 26.98 33.00
C ASP B 234 -13.98 25.48 32.89
N TRP B 235 -13.13 24.99 33.80
CA TRP B 235 -12.68 23.57 33.78
C TRP B 235 -13.87 22.63 33.97
N PRO B 236 -13.94 21.50 33.23
CA PRO B 236 -15.05 20.55 33.33
C PRO B 236 -15.05 19.76 34.65
N ARG B 237 -16.21 19.23 35.03
CA ARG B 237 -16.37 18.49 36.31
C ARG B 237 -15.48 17.24 36.31
N ASP B 238 -15.45 16.49 35.20
CA ASP B 238 -14.58 15.26 35.15
C ASP B 238 -13.45 15.51 34.16
N VAL B 239 -12.20 15.46 34.63
CA VAL B 239 -11.03 15.72 33.73
C VAL B 239 -10.02 14.57 33.83
N SER B 240 -9.65 14.01 32.68
CA SER B 240 -8.62 12.94 32.61
C SER B 240 -7.28 13.55 33.06
N LEU B 241 -7.01 14.78 32.63
CA LEU B 241 -5.75 15.51 32.96
C LEU B 241 -6.08 16.76 33.77
N PRO B 242 -5.41 17.01 34.92
CA PRO B 242 -5.66 18.19 35.76
C PRO B 242 -5.15 19.50 35.15
N ARG B 243 -5.74 20.64 35.57
CA ARG B 243 -5.34 21.99 35.08
C ARG B 243 -3.89 22.27 35.47
N GLY B 244 -3.50 21.91 36.70
CA GLY B 244 -2.15 22.12 37.20
C GLY B 244 -1.07 21.50 36.34
N ALA B 245 -1.44 20.53 35.47
CA ALA B 245 -0.50 19.88 34.55
C ALA B 245 -0.05 20.81 33.40
N PHE B 246 -0.80 21.88 33.14
CA PHE B 246 -0.50 22.84 32.08
C PHE B 246 0.05 24.16 32.66
N PRO B 247 1.06 24.75 32.02
CA PRO B 247 1.64 26.00 32.55
C PRO B 247 0.72 27.21 32.36
N PRO B 248 0.84 28.24 33.23
CA PRO B 248 -0.03 29.42 33.09
C PRO B 248 0.23 30.23 31.83
N ARG B 249 -0.55 29.98 30.77
CA ARG B 249 -0.41 30.66 29.49
C ARG B 249 -1.52 31.70 29.27
N GLY B 250 -1.14 32.86 28.75
CA GLY B 250 -2.10 33.93 28.50
C GLY B 250 -2.69 33.87 27.10
N PRO B 251 -3.82 34.54 26.86
CA PRO B 251 -4.42 34.51 25.51
C PRO B 251 -3.56 35.28 24.51
N ARG B 252 -3.36 34.65 23.35
CA ARG B 252 -2.54 35.26 22.26
C ARG B 252 -3.51 35.76 21.18
N PRO B 253 -3.28 36.95 20.59
CA PRO B 253 -4.16 37.48 19.56
C PRO B 253 -4.21 36.54 18.35
N VAL B 254 -5.40 36.36 17.79
CA VAL B 254 -5.65 35.44 16.63
C VAL B 254 -4.85 35.92 15.42
N GLN B 255 -4.76 37.24 15.24
CA GLN B 255 -4.05 37.86 14.08
C GLN B 255 -2.57 37.45 14.06
N SER B 256 -1.93 37.31 15.22
CA SER B 256 -0.49 36.94 15.26
C SER B 256 -0.27 35.59 14.60
N VAL B 257 -1.13 34.61 14.86
CA VAL B 257 -0.96 33.25 14.26
C VAL B 257 -1.79 33.08 12.98
N VAL B 258 -2.83 33.90 12.78
CA VAL B 258 -3.63 33.74 11.52
C VAL B 258 -3.51 35.00 10.68
N PRO B 259 -2.90 34.94 9.48
CA PRO B 259 -2.72 36.11 8.62
C PRO B 259 -3.91 36.52 7.72
N GLU B 260 -3.92 37.80 7.32
CA GLU B 260 -4.91 38.38 6.38
C GLU B 260 -6.35 38.13 6.83
N MET B 261 -6.62 38.14 8.12
CA MET B 261 -8.02 37.95 8.58
C MET B 261 -8.55 39.24 9.21
N GLU B 262 -9.72 39.70 8.74
CA GLU B 262 -10.37 40.94 9.26
C GLU B 262 -10.82 40.70 10.71
N GLU B 263 -10.93 41.78 11.49
CA GLU B 263 -11.21 41.66 12.95
C GLU B 263 -12.50 40.87 13.17
N SER B 264 -13.51 41.09 12.33
CA SER B 264 -14.77 40.35 12.49
C SER B 264 -14.62 38.84 12.23
N GLY B 265 -13.68 38.47 11.37
CA GLY B 265 -13.38 37.07 11.08
C GLY B 265 -12.70 36.43 12.25
N ALA B 266 -11.75 37.14 12.89
CA ALA B 266 -11.03 36.68 14.08
C ALA B 266 -11.97 36.56 15.29
N GLN B 267 -12.98 37.43 15.33
CA GLN B 267 -14.04 37.37 16.38
C GLN B 267 -14.87 36.09 16.18
N LEU B 268 -15.24 35.79 14.93
CA LEU B 268 -16.00 34.59 14.61
C LEU B 268 -15.14 33.35 14.92
N LEU B 269 -13.84 33.41 14.57
CA LEU B 269 -12.89 32.32 14.83
C LEU B 269 -12.81 32.02 16.32
N LEU B 270 -12.77 33.06 17.16
CA LEU B 270 -12.72 32.90 18.60
C LEU B 270 -14.02 32.36 19.18
N GLU B 271 -15.16 32.66 18.54
CA GLU B 271 -16.44 32.11 18.97
C GLU B 271 -16.49 30.60 18.69
N MET B 272 -15.80 30.11 17.64
CA MET B 272 -15.70 28.69 17.29
C MET B 272 -14.64 28.02 18.16
N LEU B 273 -13.51 28.69 18.37
CA LEU B 273 -12.43 28.19 19.19
C LEU B 273 -12.60 28.65 20.64
N THR B 274 -13.73 28.29 21.25
CA THR B 274 -14.05 28.59 22.65
C THR B 274 -13.91 27.29 23.44
N PHE B 275 -13.14 27.30 24.54
CA PHE B 275 -12.90 26.12 25.37
C PHE B 275 -14.18 25.43 25.88
N ASN B 276 -15.12 26.21 26.46
CA ASN B 276 -16.39 25.70 26.99
C ASN B 276 -17.35 25.46 25.84
N PRO B 277 -17.79 24.21 25.63
CA PRO B 277 -18.70 23.93 24.51
C PRO B 277 -20.09 24.55 24.65
N HIS B 278 -20.50 24.88 25.88
CA HIS B 278 -21.80 25.50 26.13
C HIS B 278 -21.82 26.95 25.63
N LYS B 279 -20.66 27.64 25.69
CA LYS B 279 -20.51 29.01 25.21
C LYS B 279 -20.15 29.10 23.71
N ARG B 280 -19.66 27.99 23.12
CA ARG B 280 -19.24 27.91 21.73
C ARG B 280 -20.37 28.16 20.73
N ILE B 281 -20.06 28.89 19.66
CA ILE B 281 -21.02 29.21 18.61
C ILE B 281 -21.49 27.95 17.88
N SER B 282 -22.78 27.90 17.56
CA SER B 282 -23.35 26.78 16.82
C SER B 282 -23.13 27.03 15.31
N ALA B 283 -23.42 26.04 14.46
CA ALA B 283 -23.27 26.20 13.02
C ALA B 283 -24.27 27.20 12.47
N PHE B 284 -25.50 27.20 13.02
CA PHE B 284 -26.55 28.12 12.63
C PHE B 284 -26.23 29.55 13.04
N ARG B 285 -25.67 29.74 14.26
CA ARG B 285 -25.31 31.09 14.74
C ARG B 285 -24.12 31.62 13.93
N ALA B 286 -23.15 30.75 13.60
CA ALA B 286 -21.99 31.16 12.81
C ALA B 286 -22.38 31.58 11.40
N LEU B 287 -23.45 31.00 10.84
CA LEU B 287 -23.98 31.36 9.54
C LEU B 287 -24.59 32.76 9.54
N GLN B 288 -25.17 33.17 10.70
CA GLN B 288 -25.76 34.49 10.91
C GLN B 288 -24.70 35.56 11.24
N HIS B 289 -23.42 35.19 11.41
CA HIS B 289 -22.37 36.14 11.77
C HIS B 289 -22.18 37.19 10.68
N SER B 290 -21.83 38.43 11.08
CA SER B 290 -21.63 39.54 10.16
C SER B 290 -20.53 39.28 9.15
N TYR B 291 -19.46 38.58 9.57
CA TYR B 291 -18.37 38.23 8.66
C TYR B 291 -18.86 37.37 7.48
N LEU B 292 -19.84 36.50 7.75
CA LEU B 292 -20.41 35.64 6.71
C LEU B 292 -21.72 36.17 6.16
N ALA C 2 27.55 -5.67 -14.63
CA ALA C 2 28.05 -4.35 -14.23
C ALA C 2 29.43 -4.45 -13.62
N TYR C 3 30.48 -4.38 -14.46
CA TYR C 3 31.87 -4.51 -14.01
C TYR C 3 32.32 -3.42 -13.06
N PRO C 4 32.92 -3.80 -11.92
CA PRO C 4 33.37 -2.80 -10.97
C PRO C 4 34.73 -2.20 -11.33
N ASP C 5 34.76 -0.87 -11.51
CA ASP C 5 35.98 -0.11 -11.83
C ASP C 5 35.88 1.31 -11.23
N ALA C 6 35.23 1.43 -10.04
CA ALA C 6 35.01 2.69 -9.33
C ALA C 6 35.76 2.65 -8.00
N ASN C 7 36.90 3.39 -7.91
CA ASN C 7 37.81 3.49 -6.75
C ASN C 7 37.89 2.20 -5.92
N LEU C 8 38.56 1.17 -6.49
CA LEU C 8 38.76 -0.15 -5.86
C LEU C 8 40.02 -0.18 -4.95
N LEU C 9 40.57 1.01 -4.67
CA LEU C 9 41.80 1.12 -3.85
C LEU C 9 41.48 1.63 -2.44
N ASN C 10 41.35 0.69 -1.49
CA ASN C 10 41.06 0.90 -0.08
C ASN C 10 41.45 -0.39 0.73
N ASP C 11 41.53 -0.32 2.06
CA ASP C 11 41.95 -1.47 2.85
C ASP C 11 40.85 -2.49 3.11
N ARG C 12 39.57 -2.08 3.28
CA ARG C 12 38.49 -3.06 3.48
C ARG C 12 38.23 -3.90 2.20
N VAL C 13 38.49 -3.32 1.01
CA VAL C 13 38.38 -4.06 -0.23
C VAL C 13 39.56 -5.03 -0.35
N LEU C 14 40.76 -4.61 0.09
CA LEU C 14 41.95 -5.44 0.09
C LEU C 14 41.77 -6.68 0.98
N ARG C 15 41.06 -6.52 2.12
CA ARG C 15 40.75 -7.63 3.04
C ARG C 15 39.83 -8.63 2.34
N ALA C 16 38.87 -8.12 1.55
CA ALA C 16 37.92 -8.93 0.80
C ALA C 16 38.61 -9.65 -0.36
N MET C 17 39.61 -9.02 -0.99
CA MET C 17 40.38 -9.62 -2.06
C MET C 17 41.19 -10.78 -1.51
N LEU C 18 41.81 -10.60 -0.34
CA LEU C 18 42.59 -11.66 0.28
C LEU C 18 41.71 -12.85 0.72
N LYS C 19 40.45 -12.59 1.07
CA LYS C 19 39.44 -13.58 1.45
C LYS C 19 39.02 -14.35 0.20
N ALA C 20 38.68 -13.63 -0.89
CA ALA C 20 38.25 -14.17 -2.17
C ALA C 20 39.27 -15.09 -2.80
N GLU C 21 40.58 -14.75 -2.67
CA GLU C 21 41.60 -15.62 -3.26
C GLU C 21 41.80 -16.91 -2.45
N GLU C 22 41.44 -16.90 -1.16
CA GLU C 22 41.48 -18.10 -0.33
C GLU C 22 40.34 -19.05 -0.70
N THR C 23 39.20 -18.53 -1.21
CA THR C 23 38.08 -19.38 -1.64
C THR C 23 38.28 -19.90 -3.08
N CYS C 24 39.07 -19.20 -3.90
CA CYS C 24 39.39 -19.64 -5.26
C CYS C 24 40.76 -20.33 -5.27
N ALA C 25 41.20 -20.94 -4.17
CA ALA C 25 42.53 -21.52 -4.10
C ALA C 25 42.64 -22.93 -4.66
N PRO C 26 43.59 -23.13 -5.60
CA PRO C 26 43.83 -24.50 -6.08
C PRO C 26 44.59 -25.32 -5.03
N SER C 27 44.58 -26.62 -5.21
CA SER C 27 45.26 -27.57 -4.34
C SER C 27 46.70 -27.73 -4.81
N VAL C 28 47.70 -27.58 -3.94
CA VAL C 28 49.10 -27.75 -4.34
C VAL C 28 49.48 -29.23 -4.66
N SER C 29 48.61 -30.18 -4.31
CA SER C 29 48.83 -31.59 -4.48
C SER C 29 47.93 -32.23 -5.53
N TYR C 30 47.32 -31.44 -6.45
CA TYR C 30 46.43 -32.00 -7.46
C TYR C 30 47.13 -32.91 -8.46
N PHE C 31 48.43 -32.69 -8.77
CA PHE C 31 49.11 -33.58 -9.72
C PHE C 31 49.25 -34.99 -9.15
N LYS C 32 49.39 -35.11 -7.83
CA LYS C 32 49.53 -36.39 -7.14
C LYS C 32 48.17 -37.00 -6.75
N CYS C 33 47.26 -36.17 -6.24
CA CYS C 33 46.00 -36.65 -5.69
C CYS C 33 44.86 -36.71 -6.65
N VAL C 34 44.80 -35.82 -7.65
CA VAL C 34 43.66 -35.77 -8.55
C VAL C 34 44.01 -36.27 -9.95
N GLN C 35 45.05 -35.72 -10.55
CA GLN C 35 45.42 -36.05 -11.92
C GLN C 35 46.22 -37.32 -12.06
N LYS C 36 45.77 -38.21 -12.99
CA LYS C 36 46.43 -39.47 -13.29
C LYS C 36 47.26 -39.39 -14.58
N GLU C 37 46.88 -38.54 -15.51
CA GLU C 37 47.62 -38.45 -16.79
C GLU C 37 48.26 -37.08 -17.03
N VAL C 38 47.85 -36.05 -16.29
CA VAL C 38 48.35 -34.67 -16.54
C VAL C 38 49.58 -34.38 -15.68
N LEU C 39 50.63 -33.92 -16.30
CA LEU C 39 51.89 -33.66 -15.60
C LEU C 39 52.24 -32.19 -15.69
N PRO C 40 53.14 -31.67 -14.85
CA PRO C 40 53.54 -30.29 -14.91
C PRO C 40 54.10 -29.88 -16.26
N SER C 41 54.82 -30.75 -16.94
CA SER C 41 55.36 -30.45 -18.28
C SER C 41 54.22 -30.17 -19.26
N MET C 42 53.13 -30.91 -19.16
CA MET C 42 51.91 -30.72 -19.97
C MET C 42 51.24 -29.39 -19.62
N ARG C 43 51.21 -29.04 -18.34
CA ARG C 43 50.63 -27.76 -17.87
C ARG C 43 51.42 -26.60 -18.47
N LYS C 44 52.73 -26.71 -18.53
CA LYS C 44 53.63 -25.66 -19.07
C LYS C 44 53.43 -25.45 -20.56
N ILE C 45 53.24 -26.54 -21.31
CA ILE C 45 53.03 -26.46 -22.78
C ILE C 45 51.67 -25.79 -23.06
N VAL C 46 50.63 -26.20 -22.34
CA VAL C 46 49.28 -25.61 -22.51
C VAL C 46 49.30 -24.14 -22.05
N ALA C 47 49.99 -23.87 -20.95
CA ALA C 47 50.09 -22.50 -20.39
C ALA C 47 50.82 -21.58 -21.38
N THR C 48 51.90 -22.07 -21.98
CA THR C 48 52.67 -21.30 -22.98
C THR C 48 51.80 -21.05 -24.22
N TRP C 49 51.02 -22.05 -24.62
CA TRP C 49 50.09 -21.92 -25.77
C TRP C 49 49.02 -20.87 -25.46
N MET C 50 48.51 -20.89 -24.23
CA MET C 50 47.47 -19.93 -23.79
C MET C 50 48.05 -18.51 -23.83
N LEU C 51 49.30 -18.35 -23.41
CA LEU C 51 49.98 -17.02 -23.42
C LEU C 51 50.14 -16.55 -24.87
N GLU C 52 50.54 -17.44 -25.78
CA GLU C 52 50.74 -17.12 -27.21
C GLU C 52 49.42 -16.67 -27.84
N VAL C 53 48.32 -17.37 -27.53
CA VAL C 53 47.00 -17.01 -28.04
C VAL C 53 46.58 -15.61 -27.53
N CYS C 54 46.80 -15.32 -26.24
CA CYS C 54 46.48 -14.02 -25.66
C CYS C 54 47.30 -12.90 -26.29
N GLU C 55 48.59 -13.16 -26.52
CA GLU C 55 49.49 -12.17 -27.09
C GLU C 55 49.19 -11.90 -28.53
N GLU C 56 48.86 -12.93 -29.31
CA GLU C 56 48.53 -12.74 -30.72
C GLU C 56 47.17 -12.07 -30.85
N GLN C 57 46.21 -12.46 -30.02
CA GLN C 57 44.88 -11.87 -30.07
C GLN C 57 44.76 -10.49 -29.43
N LYS C 58 45.86 -9.98 -28.86
CA LYS C 58 45.92 -8.69 -28.21
C LYS C 58 44.87 -8.59 -27.10
N CYS C 59 44.79 -9.65 -26.31
CA CYS C 59 43.88 -9.81 -25.18
C CYS C 59 44.22 -8.85 -24.09
N GLU C 60 43.24 -8.60 -23.18
CA GLU C 60 43.44 -7.85 -21.93
C GLU C 60 44.41 -8.69 -21.13
N GLU C 61 45.47 -8.04 -20.61
CA GLU C 61 46.56 -8.67 -19.89
C GLU C 61 46.14 -9.63 -18.78
N GLU C 62 44.97 -9.43 -18.20
CA GLU C 62 44.48 -10.26 -17.12
C GLU C 62 43.88 -11.59 -17.57
N VAL C 63 43.52 -11.73 -18.87
CA VAL C 63 42.90 -12.96 -19.39
C VAL C 63 43.75 -14.21 -19.14
N PHE C 64 45.06 -14.15 -19.43
CA PHE C 64 45.96 -15.29 -19.27
C PHE C 64 46.09 -15.72 -17.78
N PRO C 65 46.45 -14.87 -16.79
CA PRO C 65 46.51 -15.36 -15.40
C PRO C 65 45.15 -15.82 -14.86
N LEU C 66 44.04 -15.23 -15.33
CA LEU C 66 42.70 -15.66 -14.90
C LEU C 66 42.40 -17.05 -15.44
N ALA C 67 42.69 -17.27 -16.73
CA ALA C 67 42.52 -18.57 -17.34
C ALA C 67 43.38 -19.65 -16.64
N MET C 68 44.59 -19.32 -16.20
CA MET C 68 45.44 -20.31 -15.49
C MET C 68 44.88 -20.62 -14.09
N ASN C 69 44.25 -19.62 -13.44
CA ASN C 69 43.55 -19.75 -12.18
C ASN C 69 42.42 -20.76 -12.34
N TYR C 70 41.61 -20.60 -13.40
CA TYR C 70 40.48 -21.52 -13.68
C TYR C 70 41.01 -22.93 -13.95
N LEU C 71 42.09 -23.04 -14.71
CA LEU C 71 42.68 -24.35 -15.07
C LEU C 71 43.19 -25.09 -13.82
N ASP C 72 43.90 -24.38 -12.94
CA ASP C 72 44.45 -24.98 -11.69
C ASP C 72 43.32 -25.44 -10.77
N ARG C 73 42.27 -24.62 -10.64
CA ARG C 73 41.10 -24.96 -9.78
C ARG C 73 40.35 -26.17 -10.33
N PHE C 74 40.14 -26.23 -11.65
CA PHE C 74 39.43 -27.37 -12.28
C PHE C 74 40.22 -28.67 -12.10
N LEU C 75 41.55 -28.59 -12.26
CA LEU C 75 42.45 -29.77 -12.10
C LEU C 75 42.42 -30.28 -10.66
N SER C 76 42.25 -29.38 -9.69
CA SER C 76 42.12 -29.72 -8.26
C SER C 76 40.84 -30.55 -8.00
N LEU C 77 39.77 -30.33 -8.77
CA LEU C 77 38.47 -31.02 -8.52
C LEU C 77 38.13 -32.13 -9.53
N GLU C 78 38.73 -32.14 -10.73
CA GLU C 78 38.37 -33.12 -11.73
C GLU C 78 39.55 -33.73 -12.45
N PRO C 79 39.61 -35.08 -12.52
CA PRO C 79 40.64 -35.73 -13.33
C PRO C 79 40.34 -35.46 -14.82
N VAL C 80 41.39 -35.15 -15.57
CA VAL C 80 41.32 -34.81 -16.99
C VAL C 80 42.32 -35.68 -17.75
N LYS C 81 41.88 -36.26 -18.87
CA LYS C 81 42.74 -37.06 -19.75
C LYS C 81 43.74 -36.09 -20.39
N LYS C 82 45.03 -36.50 -20.55
CA LYS C 82 46.01 -35.58 -21.15
C LYS C 82 45.60 -35.11 -22.55
N SER C 83 44.77 -35.89 -23.26
CA SER C 83 44.26 -35.52 -24.59
C SER C 83 43.24 -34.37 -24.52
N ARG C 84 42.62 -34.16 -23.36
CA ARG C 84 41.65 -33.09 -23.14
C ARG C 84 42.18 -31.87 -22.40
N LEU C 85 43.51 -31.80 -22.16
CA LEU C 85 44.11 -30.68 -21.44
C LEU C 85 44.07 -29.40 -22.27
N GLN C 86 44.34 -29.53 -23.59
CA GLN C 86 44.30 -28.36 -24.48
C GLN C 86 42.89 -27.79 -24.56
N LEU C 87 41.88 -28.66 -24.61
CA LEU C 87 40.46 -28.29 -24.62
C LEU C 87 40.14 -27.51 -23.36
N LEU C 88 40.65 -27.95 -22.19
CA LEU C 88 40.49 -27.27 -20.91
C LEU C 88 41.15 -25.88 -20.89
N GLY C 89 42.36 -25.77 -21.44
CA GLY C 89 43.06 -24.51 -21.53
C GLY C 89 42.30 -23.54 -22.42
N ALA C 90 41.79 -24.02 -23.55
CA ALA C 90 41.02 -23.19 -24.47
C ALA C 90 39.71 -22.72 -23.83
N THR C 91 39.07 -23.60 -23.08
CA THR C 91 37.81 -23.27 -22.40
C THR C 91 38.02 -22.25 -21.29
N CYS C 92 39.13 -22.39 -20.56
CA CYS C 92 39.45 -21.45 -19.45
C CYS C 92 39.65 -20.04 -20.02
N MET C 93 40.34 -19.94 -21.16
CA MET C 93 40.58 -18.66 -21.85
C MET C 93 39.24 -18.10 -22.34
N PHE C 94 38.36 -18.98 -22.80
CA PHE C 94 37.01 -18.62 -23.34
C PHE C 94 36.18 -17.95 -22.24
N VAL C 95 36.23 -18.48 -21.02
CA VAL C 95 35.49 -17.91 -19.89
C VAL C 95 36.17 -16.68 -19.32
N ALA C 96 37.50 -16.70 -19.25
CA ALA C 96 38.30 -15.57 -18.76
C ALA C 96 38.12 -14.33 -19.68
N SER C 97 37.98 -14.57 -21.00
CA SER C 97 37.74 -13.56 -22.05
C SER C 97 36.33 -12.93 -21.87
N LYS C 98 35.32 -13.76 -21.62
CA LYS C 98 33.96 -13.30 -21.36
C LYS C 98 33.94 -12.40 -20.13
N MET C 99 34.68 -12.78 -19.07
CA MET C 99 34.77 -12.01 -17.83
C MET C 99 35.55 -10.72 -17.91
N LYS C 100 36.63 -10.69 -18.67
CA LYS C 100 37.50 -9.49 -18.70
C LYS C 100 37.49 -8.71 -20.01
N GLU C 101 36.79 -9.12 -21.04
CA GLU C 101 36.94 -8.40 -22.31
C GLU C 101 35.65 -7.86 -22.90
N THR C 102 35.74 -6.69 -23.53
CA THR C 102 34.63 -6.01 -24.25
C THR C 102 34.24 -6.90 -25.41
N ILE C 103 35.24 -7.42 -26.12
CA ILE C 103 35.01 -8.36 -27.23
C ILE C 103 35.65 -9.66 -26.83
N PRO C 104 34.88 -10.63 -26.33
CA PRO C 104 35.42 -11.91 -25.95
C PRO C 104 35.85 -12.75 -27.14
N LEU C 105 36.80 -13.63 -26.91
CA LEU C 105 37.27 -14.53 -27.98
C LEU C 105 36.12 -15.46 -28.36
N THR C 106 35.95 -15.68 -29.64
CA THR C 106 34.95 -16.62 -30.08
C THR C 106 35.47 -18.04 -29.95
N ALA C 107 34.56 -19.01 -29.84
CA ALA C 107 34.94 -20.41 -29.72
C ALA C 107 35.74 -20.87 -30.94
N GLU C 108 35.36 -20.39 -32.15
CA GLU C 108 36.06 -20.80 -33.35
C GLU C 108 37.43 -20.15 -33.46
N LYS C 109 37.59 -18.92 -32.93
CA LYS C 109 38.91 -18.28 -32.93
CA LYS C 109 38.92 -18.29 -32.94
C LYS C 109 39.85 -19.07 -32.01
N LEU C 110 39.34 -19.67 -30.92
CA LEU C 110 40.19 -20.46 -30.04
C LEU C 110 40.52 -21.81 -30.70
N CYS C 111 39.54 -22.43 -31.42
CA CYS C 111 39.77 -23.70 -32.11
C CYS C 111 40.77 -23.56 -33.25
N ILE C 112 40.86 -22.37 -33.87
CA ILE C 112 41.82 -22.05 -34.92
C ILE C 112 43.23 -22.23 -34.37
N TYR C 113 43.48 -21.75 -33.15
CA TYR C 113 44.77 -21.88 -32.50
C TYR C 113 45.13 -23.33 -32.07
N THR C 114 44.18 -24.25 -32.13
CA THR C 114 44.45 -25.68 -31.90
C THR C 114 44.60 -26.41 -33.26
N ASP C 115 44.74 -25.67 -34.38
CA ASP C 115 44.73 -26.19 -35.75
C ASP C 115 43.46 -26.97 -36.02
N ASN C 116 42.33 -26.50 -35.47
CA ASN C 116 41.01 -27.10 -35.57
C ASN C 116 40.96 -28.55 -35.11
N SER C 117 41.81 -28.94 -34.15
CA SER C 117 41.74 -30.28 -33.56
C SER C 117 40.57 -30.37 -32.58
N ILE C 118 40.20 -29.24 -31.95
CA ILE C 118 38.99 -29.20 -31.13
C ILE C 118 37.92 -28.40 -31.92
N ARG C 119 36.64 -28.71 -31.72
CA ARG C 119 35.57 -27.96 -32.41
C ARG C 119 34.74 -27.12 -31.43
N PRO C 120 34.10 -26.02 -31.89
CA PRO C 120 33.34 -25.17 -30.95
C PRO C 120 32.39 -25.90 -30.03
N GLU C 121 31.67 -26.91 -30.51
CA GLU C 121 30.73 -27.72 -29.73
C GLU C 121 31.40 -28.30 -28.48
N GLU C 122 32.61 -28.86 -28.63
CA GLU C 122 33.38 -29.43 -27.51
C GLU C 122 33.77 -28.37 -26.48
N LEU C 123 34.09 -27.16 -26.97
CA LEU C 123 34.45 -26.05 -26.13
C LEU C 123 33.21 -25.57 -25.35
N LEU C 124 32.03 -25.58 -25.96
CA LEU C 124 30.81 -25.15 -25.27
C LEU C 124 30.38 -26.15 -24.20
N GLN C 125 30.65 -27.44 -24.41
CA GLN C 125 30.35 -28.48 -23.44
C GLN C 125 31.30 -28.38 -22.26
N MET C 126 32.57 -28.08 -22.55
CA MET C 126 33.59 -27.88 -21.49
C MET C 126 33.19 -26.67 -20.65
N GLU C 127 32.63 -25.64 -21.29
CA GLU C 127 32.29 -24.40 -20.58
C GLU C 127 31.33 -24.66 -19.45
N LEU C 128 30.32 -25.51 -19.68
CA LEU C 128 29.37 -25.86 -18.64
C LEU C 128 30.05 -26.61 -17.53
N LEU C 129 30.93 -27.55 -17.87
CA LEU C 129 31.68 -28.33 -16.90
C LEU C 129 32.55 -27.45 -16.02
N LEU C 130 33.39 -26.61 -16.65
CA LEU C 130 34.29 -25.68 -15.98
C LEU C 130 33.52 -24.71 -15.06
N VAL C 131 32.55 -23.95 -15.62
CA VAL C 131 31.78 -22.98 -14.86
C VAL C 131 31.06 -23.64 -13.66
N ASN C 132 30.49 -24.85 -13.85
CA ASN C 132 29.84 -25.60 -12.75
C ASN C 132 30.84 -26.07 -11.68
N LYS C 133 31.97 -26.68 -12.07
CA LYS C 133 32.98 -27.10 -11.08
C LYS C 133 33.51 -25.94 -10.28
N LEU C 134 33.63 -24.76 -10.90
CA LEU C 134 34.10 -23.56 -10.19
C LEU C 134 32.97 -22.85 -9.40
N LYS C 135 31.77 -23.44 -9.46
CA LYS C 135 30.57 -22.94 -8.73
C LYS C 135 30.28 -21.50 -9.17
N TRP C 136 30.58 -21.20 -10.45
CA TRP C 136 30.38 -19.87 -11.07
C TRP C 136 31.19 -18.77 -10.34
N ASN C 137 32.38 -19.11 -9.82
CA ASN C 137 33.28 -18.12 -9.15
C ASN C 137 34.26 -17.60 -10.21
N LEU C 138 33.73 -17.02 -11.29
CA LEU C 138 34.49 -16.49 -12.44
C LEU C 138 35.31 -15.26 -12.05
N ALA C 139 34.79 -14.40 -11.18
CA ALA C 139 35.54 -13.15 -10.88
C ALA C 139 36.59 -13.40 -9.79
N ALA C 140 37.60 -14.22 -10.10
CA ALA C 140 38.69 -14.57 -9.16
C ALA C 140 39.74 -13.46 -9.17
N MET C 141 40.40 -13.23 -8.03
CA MET C 141 41.47 -12.21 -7.94
C MET C 141 42.65 -12.67 -8.81
N THR C 142 43.30 -11.73 -9.49
CA THR C 142 44.47 -12.04 -10.36
C THR C 142 45.64 -11.19 -9.88
N PRO C 143 46.91 -11.61 -10.02
CA PRO C 143 48.04 -10.81 -9.55
C PRO C 143 47.97 -9.35 -10.03
N HIS C 144 47.39 -9.14 -11.21
CA HIS C 144 47.22 -7.78 -11.79
C HIS C 144 46.40 -6.89 -10.86
N ASP C 145 45.37 -7.45 -10.23
CA ASP C 145 44.52 -6.66 -9.28
C ASP C 145 45.37 -6.19 -8.11
N PHE C 146 46.21 -7.09 -7.57
CA PHE C 146 47.11 -6.80 -6.43
C PHE C 146 48.20 -5.80 -6.83
N ILE C 147 48.73 -5.91 -8.05
CA ILE C 147 49.82 -5.01 -8.53
C ILE C 147 49.33 -3.56 -8.50
N GLU C 148 48.08 -3.31 -8.92
CA GLU C 148 47.54 -1.93 -8.91
C GLU C 148 47.45 -1.42 -7.47
N HIS C 149 47.00 -2.27 -6.54
CA HIS C 149 46.90 -1.88 -5.12
C HIS C 149 48.28 -1.55 -4.55
N PHE C 150 49.29 -2.36 -4.86
CA PHE C 150 50.67 -2.13 -4.36
C PHE C 150 51.24 -0.82 -4.93
N LEU C 151 51.00 -0.57 -6.22
CA LEU C 151 51.54 0.63 -6.91
C LEU C 151 50.99 1.93 -6.30
N SER C 152 49.71 1.95 -5.93
CA SER C 152 49.13 3.18 -5.33
C SER C 152 49.84 3.49 -4.00
N LYS C 153 50.12 2.46 -3.22
CA LYS C 153 50.83 2.57 -1.91
C LYS C 153 52.30 2.97 -2.10
N MET C 154 52.95 2.42 -3.12
CA MET C 154 54.41 2.62 -3.38
C MET C 154 54.76 4.07 -3.72
N PRO C 155 55.91 4.58 -3.24
CA PRO C 155 56.34 5.96 -3.50
C PRO C 155 57.12 6.08 -4.81
N GLU C 156 56.39 6.06 -5.94
CA GLU C 156 57.02 6.19 -7.28
C GLU C 156 56.19 7.16 -8.11
N ALA C 157 56.84 7.94 -8.97
CA ALA C 157 56.14 8.85 -9.87
C ALA C 157 55.37 8.00 -10.89
N GLU C 158 54.35 8.59 -11.56
CA GLU C 158 53.56 7.85 -12.55
C GLU C 158 54.40 7.23 -13.65
N GLU C 159 55.48 7.89 -14.06
CA GLU C 159 56.40 7.40 -15.09
C GLU C 159 57.00 6.05 -14.67
N ASN C 160 57.42 5.96 -13.39
CA ASN C 160 58.03 4.73 -12.87
C ASN C 160 57.00 3.66 -12.65
N LYS C 161 55.79 4.01 -12.22
CA LYS C 161 54.73 3.03 -12.02
C LYS C 161 54.38 2.32 -13.31
N GLN C 162 54.44 3.01 -14.48
CA GLN C 162 54.10 2.36 -15.75
C GLN C 162 55.12 1.30 -16.14
N ILE C 163 56.40 1.63 -16.00
CA ILE C 163 57.50 0.66 -16.31
C ILE C 163 57.42 -0.51 -15.31
N ILE C 164 57.17 -0.21 -14.04
CA ILE C 164 57.08 -1.27 -12.99
C ILE C 164 55.91 -2.19 -13.33
N ARG C 165 54.79 -1.60 -13.74
CA ARG C 165 53.58 -2.37 -14.12
C ARG C 165 53.91 -3.32 -15.27
N LYS C 166 54.62 -2.82 -16.29
CA LYS C 166 54.96 -3.64 -17.48
C LYS C 166 55.86 -4.80 -17.07
N HIS C 167 56.90 -4.54 -16.28
CA HIS C 167 57.84 -5.59 -15.84
C HIS C 167 57.14 -6.61 -14.93
N ALA C 168 56.34 -6.13 -13.97
CA ALA C 168 55.66 -7.02 -13.01
C ALA C 168 54.71 -7.96 -13.75
N GLN C 169 53.97 -7.44 -14.74
CA GLN C 169 53.02 -8.27 -15.52
C GLN C 169 53.78 -9.36 -16.30
N THR C 170 54.97 -9.03 -16.81
CA THR C 170 55.79 -10.01 -17.54
C THR C 170 56.19 -11.14 -16.58
N PHE C 171 56.56 -10.77 -15.35
CA PHE C 171 56.93 -11.76 -14.30
C PHE C 171 55.72 -12.63 -13.97
N VAL C 172 54.54 -12.01 -13.90
CA VAL C 172 53.28 -12.73 -13.59
C VAL C 172 52.99 -13.76 -14.69
N ALA C 173 53.16 -13.36 -15.96
CA ALA C 173 52.90 -14.26 -17.09
C ALA C 173 53.88 -15.44 -17.04
N LEU C 174 55.15 -15.15 -16.76
CA LEU C 174 56.20 -16.18 -16.67
C LEU C 174 55.88 -17.12 -15.50
N CYS C 175 55.45 -16.55 -14.39
CA CYS C 175 55.10 -17.30 -13.15
C CYS C 175 53.91 -18.23 -13.41
N ALA C 176 52.94 -17.77 -14.21
CA ALA C 176 51.69 -18.53 -14.51
C ALA C 176 51.97 -19.85 -15.24
N THR C 177 53.04 -19.91 -16.05
CA THR C 177 53.39 -21.13 -16.82
C THR C 177 54.14 -22.14 -15.95
N ASP C 178 54.37 -21.80 -14.68
CA ASP C 178 55.12 -22.64 -13.77
C ASP C 178 54.24 -23.09 -12.58
N VAL C 179 54.60 -24.24 -11.97
CA VAL C 179 53.85 -24.79 -10.84
C VAL C 179 53.81 -23.91 -9.60
N LYS C 180 54.65 -22.88 -9.53
CA LYS C 180 54.65 -21.95 -8.38
C LYS C 180 53.31 -21.20 -8.33
N PHE C 181 52.72 -20.93 -9.51
CA PHE C 181 51.47 -20.20 -9.60
C PHE C 181 50.36 -20.93 -8.79
N ILE C 182 50.48 -22.27 -8.63
CA ILE C 182 49.51 -23.09 -7.91
C ILE C 182 49.63 -22.89 -6.40
N SER C 183 50.86 -22.94 -5.88
CA SER C 183 51.13 -22.86 -4.44
C SER C 183 51.01 -21.44 -3.87
N ASN C 184 51.47 -20.43 -4.62
CA ASN C 184 51.40 -19.06 -4.15
C ASN C 184 50.10 -18.40 -4.59
N PRO C 185 49.38 -17.79 -3.65
CA PRO C 185 48.17 -17.06 -4.03
C PRO C 185 48.47 -15.87 -4.96
N PRO C 186 47.50 -15.38 -5.76
CA PRO C 186 47.78 -14.24 -6.65
C PRO C 186 48.41 -13.00 -5.99
N SER C 187 48.06 -12.70 -4.73
CA SER C 187 48.65 -11.57 -4.00
C SER C 187 50.18 -11.79 -3.85
N MET C 188 50.57 -13.03 -3.54
CA MET C 188 51.97 -13.43 -3.39
C MET C 188 52.72 -13.34 -4.72
N VAL C 189 52.14 -13.88 -5.81
CA VAL C 189 52.74 -13.81 -7.14
C VAL C 189 52.93 -12.36 -7.56
N ALA C 190 51.96 -11.49 -7.24
CA ALA C 190 51.98 -10.05 -7.54
C ALA C 190 53.06 -9.33 -6.75
N ALA C 191 53.19 -9.61 -5.43
CA ALA C 191 54.20 -8.98 -4.60
C ALA C 191 55.61 -9.43 -4.98
N GLY C 192 55.76 -10.72 -5.28
CA GLY C 192 57.03 -11.26 -5.71
C GLY C 192 57.47 -10.67 -7.05
N SER C 193 56.50 -10.44 -7.96
CA SER C 193 56.74 -9.88 -9.28
C SER C 193 57.05 -8.37 -9.22
N VAL C 194 56.36 -7.63 -8.33
CA VAL C 194 56.65 -6.22 -8.15
C VAL C 194 58.05 -6.06 -7.56
N VAL C 195 58.41 -6.88 -6.54
CA VAL C 195 59.73 -6.82 -5.93
C VAL C 195 60.81 -7.19 -6.96
N ALA C 196 60.62 -8.30 -7.71
CA ALA C 196 61.58 -8.68 -8.75
C ALA C 196 61.77 -7.57 -9.80
N ALA C 197 60.65 -6.91 -10.21
CA ALA C 197 60.66 -5.78 -11.16
C ALA C 197 61.41 -4.54 -10.63
N VAL C 198 61.11 -4.09 -9.38
CA VAL C 198 61.75 -2.93 -8.79
C VAL C 198 63.22 -3.21 -8.50
N GLN C 199 63.57 -4.43 -8.10
CA GLN C 199 64.97 -4.79 -7.87
C GLN C 199 65.78 -4.65 -9.16
N GLY C 200 65.22 -5.15 -10.26
CA GLY C 200 65.84 -5.06 -11.58
C GLY C 200 65.98 -3.64 -12.07
N LEU C 201 64.93 -2.82 -11.88
CA LEU C 201 64.94 -1.44 -12.31
C LEU C 201 65.91 -0.59 -11.48
N ASN C 202 66.03 -0.90 -10.18
CA ASN C 202 66.97 -0.20 -9.32
C ASN C 202 68.41 -0.61 -9.64
N LEU C 203 68.65 -1.87 -10.04
CA LEU C 203 69.99 -2.30 -10.43
C LEU C 203 70.46 -1.50 -11.66
N ARG C 204 69.54 -1.33 -12.62
CA ARG C 204 69.81 -0.53 -13.85
C ARG C 204 70.04 0.95 -13.52
N SER C 205 69.23 1.51 -12.62
CA SER C 205 69.30 2.93 -12.24
C SER C 205 69.25 3.05 -10.72
N PRO C 206 70.43 3.00 -10.03
CA PRO C 206 70.43 3.04 -8.56
C PRO C 206 69.79 4.27 -7.91
N ASN C 207 69.77 5.40 -8.62
CA ASN C 207 69.13 6.63 -8.11
C ASN C 207 67.65 6.75 -8.38
N ASN C 208 67.06 5.78 -9.06
CA ASN C 208 65.65 5.78 -9.36
C ASN C 208 65.02 4.51 -8.80
N PHE C 209 63.68 4.40 -8.80
CA PHE C 209 62.98 3.21 -8.29
C PHE C 209 63.38 2.94 -6.83
N LEU C 210 63.39 4.01 -6.00
CA LEU C 210 63.80 3.94 -4.61
C LEU C 210 62.83 3.18 -3.71
N SER C 211 61.71 2.65 -4.26
CA SER C 211 60.81 1.74 -3.54
C SER C 211 61.48 0.40 -3.22
N TYR C 212 62.63 0.07 -3.84
CA TYR C 212 63.34 -1.19 -3.66
C TYR C 212 63.64 -1.43 -2.17
N TYR C 213 64.01 -0.35 -1.45
CA TYR C 213 64.45 -0.36 -0.09
C TYR C 213 63.46 -1.00 0.83
N ARG C 214 63.76 -2.22 1.32
CA ARG C 214 62.87 -3.00 2.17
C ARG C 214 61.48 -3.24 1.59
N LEU C 215 61.35 -3.29 0.24
CA LEU C 215 60.05 -3.49 -0.40
C LEU C 215 59.40 -4.82 -0.07
N THR C 216 60.19 -5.86 0.20
CA THR C 216 59.65 -7.17 0.57
C THR C 216 58.89 -7.06 1.89
N ARG C 217 59.51 -6.41 2.90
CA ARG C 217 58.89 -6.21 4.19
C ARG C 217 57.66 -5.29 4.01
N PHE C 218 57.79 -4.21 3.24
CA PHE C 218 56.68 -3.30 2.97
C PHE C 218 55.46 -4.03 2.39
N LEU C 219 55.62 -4.79 1.28
CA LEU C 219 54.51 -5.49 0.64
C LEU C 219 53.96 -6.66 1.48
N SER C 220 54.80 -7.24 2.36
CA SER C 220 54.41 -8.30 3.27
C SER C 220 53.45 -7.74 4.31
N ARG C 221 53.60 -6.47 4.72
CA ARG C 221 52.70 -5.83 5.68
C ARG C 221 51.32 -5.59 5.08
N VAL C 222 51.25 -5.30 3.76
CA VAL C 222 50.02 -5.07 3.01
C VAL C 222 49.22 -6.39 2.90
N ILE C 223 49.90 -7.50 2.59
CA ILE C 223 49.29 -8.82 2.46
C ILE C 223 49.15 -9.56 3.80
N LYS C 224 49.91 -9.12 4.83
CA LYS C 224 49.99 -9.76 6.14
C LYS C 224 50.59 -11.17 5.99
N CYS C 225 51.64 -11.28 5.16
CA CYS C 225 52.36 -12.53 4.96
C CYS C 225 53.76 -12.52 5.62
N ASP C 226 54.45 -13.66 5.58
CA ASP C 226 55.79 -13.77 6.15
C ASP C 226 56.76 -13.21 5.13
N PRO C 227 57.65 -12.27 5.51
CA PRO C 227 58.63 -11.73 4.55
C PRO C 227 59.52 -12.80 3.95
N ASP C 228 59.75 -13.90 4.68
CA ASP C 228 60.57 -15.01 4.19
C ASP C 228 59.89 -15.69 3.01
N CYS C 229 58.56 -15.84 3.06
CA CYS C 229 57.82 -16.48 1.98
C CYS C 229 57.80 -15.59 0.75
N LEU C 230 57.64 -14.28 0.94
CA LEU C 230 57.69 -13.35 -0.18
C LEU C 230 59.08 -13.34 -0.80
N ARG C 231 60.13 -13.40 0.02
CA ARG C 231 61.51 -13.45 -0.46
C ARG C 231 61.77 -14.74 -1.25
N ALA C 232 61.31 -15.90 -0.73
CA ALA C 232 61.42 -17.18 -1.45
C ALA C 232 60.66 -17.11 -2.78
N CYS C 233 59.47 -16.48 -2.78
CA CYS C 233 58.67 -16.29 -3.98
C CYS C 233 59.44 -15.45 -5.00
N GLN C 234 59.98 -14.30 -4.58
CA GLN C 234 60.77 -13.40 -5.42
C GLN C 234 61.96 -14.15 -6.05
N GLU C 235 62.68 -14.92 -5.25
CA GLU C 235 63.82 -15.69 -5.74
C GLU C 235 63.37 -16.73 -6.79
N GLN C 236 62.23 -17.41 -6.56
CA GLN C 236 61.68 -18.39 -7.50
C GLN C 236 61.35 -17.72 -8.84
N ILE C 237 60.76 -16.53 -8.80
CA ILE C 237 60.39 -15.76 -9.99
C ILE C 237 61.63 -15.30 -10.76
N GLU C 238 62.70 -14.89 -10.04
CA GLU C 238 63.93 -14.42 -10.67
C GLU C 238 64.70 -15.58 -11.30
N ALA C 239 64.68 -16.75 -10.67
CA ALA C 239 65.32 -17.95 -11.21
C ALA C 239 64.64 -18.41 -12.51
N LEU C 240 63.31 -18.19 -12.60
CA LEU C 240 62.51 -18.53 -13.76
C LEU C 240 62.86 -17.63 -14.95
N LEU C 241 63.12 -16.34 -14.67
CA LEU C 241 63.48 -15.34 -15.68
C LEU C 241 64.79 -15.71 -16.39
N GLU C 242 65.75 -16.30 -15.65
CA GLU C 242 67.06 -16.69 -16.16
C GLU C 242 66.95 -17.76 -17.25
N SER C 243 66.01 -18.70 -17.11
CA SER C 243 65.78 -19.76 -18.09
C SER C 243 65.18 -19.19 -19.37
N SER C 244 64.23 -18.26 -19.24
CA SER C 244 63.59 -17.59 -20.38
C SER C 244 64.60 -16.79 -21.22
N SER D 4 25.92 -31.87 -3.70
CA SER D 4 25.08 -31.13 -2.72
C SER D 4 23.66 -30.97 -3.28
N ARG D 5 22.98 -32.10 -3.53
CA ARG D 5 21.58 -32.07 -4.07
C ARG D 5 20.65 -31.43 -3.03
N TYR D 6 19.72 -30.58 -3.50
CA TYR D 6 18.77 -29.88 -2.60
C TYR D 6 17.37 -30.49 -2.78
N GLU D 7 16.66 -30.71 -1.67
CA GLU D 7 15.34 -31.30 -1.71
C GLU D 7 14.26 -30.26 -1.54
N PRO D 8 13.53 -29.89 -2.64
CA PRO D 8 12.45 -28.91 -2.50
C PRO D 8 11.39 -29.38 -1.50
N VAL D 9 11.32 -28.63 -0.40
CA VAL D 9 10.39 -28.82 0.73
C VAL D 9 9.12 -28.03 0.50
N ALA D 10 9.21 -26.88 -0.15
CA ALA D 10 8.02 -26.02 -0.32
C ALA D 10 8.21 -25.07 -1.49
N GLU D 11 7.18 -24.29 -1.81
CA GLU D 11 7.24 -23.31 -2.92
C GLU D 11 7.20 -21.89 -2.34
N ILE D 12 8.32 -21.18 -2.40
CA ILE D 12 8.37 -19.77 -1.90
C ILE D 12 7.43 -18.93 -2.76
N GLY D 13 7.42 -19.16 -4.07
CA GLY D 13 6.53 -18.44 -5.00
C GLY D 13 6.53 -19.08 -6.38
N VAL D 14 5.44 -18.85 -7.13
CA VAL D 14 5.29 -19.37 -8.52
C VAL D 14 4.76 -18.19 -9.33
N GLY D 15 5.25 -18.01 -10.54
CA GLY D 15 4.82 -16.86 -11.35
C GLY D 15 5.36 -16.98 -12.75
N ALA D 16 5.37 -15.87 -13.49
CA ALA D 16 5.84 -15.81 -14.90
C ALA D 16 7.34 -16.10 -14.96
N TYR D 17 8.07 -15.68 -13.93
CA TYR D 17 9.55 -15.88 -13.85
C TYR D 17 9.86 -17.38 -13.82
N GLY D 18 9.03 -18.16 -13.13
CA GLY D 18 9.22 -19.59 -12.91
C GLY D 18 8.78 -19.91 -11.50
N THR D 19 9.48 -20.80 -10.81
CA THR D 19 9.10 -21.12 -9.41
C THR D 19 10.26 -20.80 -8.48
N VAL D 20 9.97 -20.36 -7.26
CA VAL D 20 11.05 -20.15 -6.24
C VAL D 20 10.79 -21.22 -5.19
N TYR D 21 11.76 -22.09 -4.93
CA TYR D 21 11.50 -23.19 -3.99
C TYR D 21 12.32 -23.07 -2.71
N LYS D 22 11.74 -23.58 -1.62
CA LYS D 22 12.45 -23.74 -0.36
C LYS D 22 13.00 -25.18 -0.42
N ALA D 23 14.23 -25.39 0.01
CA ALA D 23 14.87 -26.70 -0.05
C ALA D 23 15.80 -26.93 1.13
N ARG D 24 16.10 -28.19 1.46
CA ARG D 24 17.05 -28.48 2.52
C ARG D 24 18.39 -28.93 1.92
N ASP D 25 19.51 -28.51 2.50
CA ASP D 25 20.83 -28.93 2.06
C ASP D 25 21.22 -30.00 3.06
N PRO D 26 21.33 -31.26 2.64
CA PRO D 26 21.64 -32.35 3.60
C PRO D 26 23.04 -32.27 4.21
N HIS D 27 23.97 -31.54 3.56
CA HIS D 27 25.34 -31.40 4.04
C HIS D 27 25.48 -30.25 5.03
N SER D 28 24.79 -29.15 4.79
CA SER D 28 24.83 -28.00 5.69
C SER D 28 23.83 -28.17 6.84
N GLY D 29 22.64 -28.66 6.53
CA GLY D 29 21.59 -28.83 7.52
C GLY D 29 20.58 -27.69 7.50
N HIS D 30 20.99 -26.52 7.02
CA HIS D 30 20.15 -25.33 6.91
C HIS D 30 19.34 -25.32 5.59
N PHE D 31 18.33 -24.46 5.51
CA PHE D 31 17.51 -24.35 4.31
C PHE D 31 18.05 -23.35 3.28
N VAL D 32 17.63 -23.51 2.02
CA VAL D 32 18.10 -22.60 0.93
C VAL D 32 16.90 -22.21 0.05
N ALA D 33 17.08 -21.21 -0.80
CA ALA D 33 16.02 -20.78 -1.75
C ALA D 33 16.51 -21.12 -3.16
N LEU D 34 15.72 -21.88 -3.93
CA LEU D 34 16.16 -22.31 -5.28
C LEU D 34 15.39 -21.54 -6.36
N LYS D 35 16.12 -20.91 -7.28
CA LYS D 35 15.51 -20.17 -8.40
C LYS D 35 16.11 -20.73 -9.70
N SER D 36 15.26 -21.08 -10.66
CA SER D 36 15.73 -21.60 -11.97
C SER D 36 15.46 -20.54 -13.04
N VAL D 37 16.49 -20.16 -13.79
CA VAL D 37 16.32 -19.14 -14.87
C VAL D 37 16.70 -19.78 -16.21
N ARG D 38 15.92 -19.51 -17.26
CA ARG D 38 16.22 -20.07 -18.60
C ARG D 38 16.89 -18.99 -19.45
N VAL D 39 18.07 -19.32 -19.98
CA VAL D 39 18.84 -18.43 -20.83
C VAL D 39 19.03 -19.10 -22.19
N PRO D 40 19.26 -18.30 -23.25
CA PRO D 40 19.46 -18.89 -24.58
C PRO D 40 20.83 -19.54 -24.78
N ASN D 41 20.83 -20.66 -25.51
CA ASN D 41 22.08 -21.39 -25.86
C ASN D 41 22.41 -20.99 -27.30
N GLY D 42 23.61 -20.47 -27.53
CA GLY D 42 24.01 -19.99 -28.86
C GLY D 42 25.34 -20.58 -29.30
N GLU D 43 25.91 -20.00 -30.36
CA GLU D 43 27.22 -20.38 -30.95
C GLU D 43 28.35 -20.14 -29.95
N GLU D 44 28.22 -19.12 -29.10
CA GLU D 44 29.23 -18.76 -28.05
C GLU D 44 28.86 -19.42 -26.72
N GLY D 45 27.90 -20.36 -26.74
CA GLY D 45 27.45 -21.11 -25.55
C GLY D 45 26.75 -20.26 -24.52
N LEU D 46 27.21 -20.29 -23.27
CA LEU D 46 26.56 -19.50 -22.19
C LEU D 46 26.57 -18.03 -22.62
N PRO D 47 25.44 -17.30 -22.51
CA PRO D 47 25.39 -15.90 -22.91
C PRO D 47 26.39 -15.12 -22.05
N ILE D 48 27.10 -14.17 -22.67
CA ILE D 48 28.16 -13.39 -21.95
C ILE D 48 27.53 -12.62 -20.78
N SER D 49 26.34 -12.06 -20.96
CA SER D 49 25.66 -11.32 -19.86
C SER D 49 25.38 -12.26 -18.68
N THR D 50 24.96 -13.50 -18.96
CA THR D 50 24.69 -14.48 -17.88
C THR D 50 25.98 -14.85 -17.15
N VAL D 51 27.05 -15.13 -17.90
CA VAL D 51 28.34 -15.43 -17.30
C VAL D 51 28.81 -14.29 -16.38
N ARG D 52 28.86 -13.06 -16.90
CA ARG D 52 29.31 -11.84 -16.15
C ARG D 52 28.38 -11.46 -14.98
N GLU D 53 27.07 -11.48 -15.20
CA GLU D 53 26.11 -11.06 -14.17
C GLU D 53 26.11 -11.99 -12.95
N VAL D 54 26.09 -13.31 -13.19
CA VAL D 54 26.12 -14.30 -12.11
C VAL D 54 27.45 -14.31 -11.40
N ALA D 55 28.57 -14.20 -12.15
CA ALA D 55 29.89 -14.13 -11.54
C ALA D 55 30.01 -12.89 -10.69
N LEU D 56 29.51 -11.75 -11.16
CA LEU D 56 29.59 -10.49 -10.39
C LEU D 56 28.71 -10.49 -9.13
N LEU D 57 27.67 -11.36 -9.09
CA LEU D 57 26.83 -11.55 -7.91
C LEU D 57 27.62 -12.43 -6.89
N ARG D 58 28.31 -13.48 -7.38
CA ARG D 58 29.10 -14.37 -6.56
C ARG D 58 30.29 -13.57 -5.97
N ARG D 59 30.85 -12.63 -6.73
CA ARG D 59 31.95 -11.78 -6.31
C ARG D 59 31.60 -11.00 -5.02
N LEU D 60 30.30 -10.68 -4.82
CA LEU D 60 29.85 -9.94 -3.62
C LEU D 60 30.06 -10.73 -2.31
N GLU D 61 30.17 -12.06 -2.40
CA GLU D 61 30.36 -12.93 -1.25
C GLU D 61 31.60 -12.58 -0.45
N ALA D 62 32.66 -12.15 -1.15
CA ALA D 62 33.96 -11.81 -0.56
C ALA D 62 33.86 -10.72 0.50
N PHE D 63 32.93 -9.80 0.32
CA PHE D 63 32.71 -8.71 1.26
C PHE D 63 31.98 -9.12 2.52
N GLU D 64 31.25 -10.26 2.52
CA GLU D 64 30.49 -10.77 3.66
C GLU D 64 29.57 -9.71 4.27
N HIS D 65 28.87 -8.97 3.39
CA HIS D 65 27.97 -7.92 3.85
C HIS D 65 26.77 -8.50 4.60
N PRO D 66 26.50 -7.99 5.80
CA PRO D 66 25.40 -8.54 6.59
C PRO D 66 23.99 -8.27 6.08
N ASN D 67 23.80 -7.26 5.21
CA ASN D 67 22.47 -6.90 4.76
C ASN D 67 22.10 -7.30 3.33
N VAL D 68 22.77 -8.32 2.79
CA VAL D 68 22.42 -8.83 1.43
C VAL D 68 22.28 -10.35 1.50
N VAL D 69 21.46 -10.93 0.62
CA VAL D 69 21.27 -12.42 0.60
C VAL D 69 22.56 -13.07 0.08
N ARG D 70 22.86 -14.28 0.58
CA ARG D 70 24.11 -14.97 0.17
C ARG D 70 23.82 -15.99 -0.93
N LEU D 71 24.38 -15.79 -2.13
CA LEU D 71 24.24 -16.77 -3.24
C LEU D 71 25.35 -17.80 -2.99
N MET D 72 24.99 -18.95 -2.40
CA MET D 72 26.01 -19.96 -2.02
C MET D 72 26.24 -21.03 -3.09
N ASP D 73 25.51 -21.03 -4.21
CA ASP D 73 25.75 -22.07 -5.19
C ASP D 73 25.04 -21.78 -6.48
N VAL D 74 25.63 -22.17 -7.60
CA VAL D 74 25.03 -21.98 -8.91
C VAL D 74 25.30 -23.24 -9.74
N CYS D 75 24.32 -23.68 -10.52
CA CYS D 75 24.56 -24.86 -11.40
C CYS D 75 23.80 -24.70 -12.72
N ALA D 76 24.46 -24.97 -13.85
CA ALA D 76 23.80 -24.99 -15.17
C ALA D 76 23.28 -26.42 -15.35
N THR D 77 22.18 -26.75 -14.66
CA THR D 77 21.60 -28.11 -14.59
C THR D 77 21.15 -28.65 -15.94
N SER D 78 20.46 -27.85 -16.75
CA SER D 78 19.95 -28.36 -18.06
C SER D 78 20.65 -27.70 -19.24
N ARG D 79 21.09 -28.52 -20.20
CA ARG D 79 21.69 -27.99 -21.46
C ARG D 79 20.80 -28.49 -22.61
N THR D 80 20.37 -27.55 -23.45
CA THR D 80 19.48 -27.81 -24.61
C THR D 80 20.02 -27.01 -25.81
N ASP D 81 19.69 -27.40 -27.04
CA ASP D 81 20.22 -26.67 -28.21
C ASP D 81 19.74 -25.21 -28.16
N ARG D 82 18.49 -24.95 -27.79
CA ARG D 82 18.00 -23.54 -27.77
C ARG D 82 18.05 -22.94 -26.36
N GLU D 83 18.17 -23.74 -25.30
CA GLU D 83 18.14 -23.12 -23.95
C GLU D 83 19.10 -23.79 -22.95
N ILE D 84 19.52 -23.01 -21.95
CA ILE D 84 20.37 -23.48 -20.83
C ILE D 84 19.62 -23.14 -19.53
N LYS D 85 19.48 -24.10 -18.63
CA LYS D 85 18.76 -23.82 -17.36
C LYS D 85 19.80 -23.57 -16.26
N VAL D 86 19.72 -22.41 -15.61
CA VAL D 86 20.68 -22.04 -14.53
C VAL D 86 19.92 -22.01 -13.21
N THR D 87 20.43 -22.74 -12.21
CA THR D 87 19.77 -22.80 -10.87
C THR D 87 20.59 -21.97 -9.89
N LEU D 88 19.93 -21.05 -9.20
CA LEU D 88 20.62 -20.17 -8.21
C LEU D 88 20.22 -20.60 -6.80
N VAL D 89 21.20 -20.85 -5.94
CA VAL D 89 20.93 -21.28 -4.54
C VAL D 89 21.29 -20.14 -3.59
N PHE D 90 20.31 -19.64 -2.84
CA PHE D 90 20.55 -18.52 -1.90
C PHE D 90 20.31 -18.99 -0.46
N GLU D 91 21.04 -18.43 0.50
CA GLU D 91 20.81 -18.80 1.92
C GLU D 91 19.37 -18.40 2.24
N HIS D 92 18.62 -19.29 2.88
CA HIS D 92 17.18 -19.01 3.18
C HIS D 92 17.03 -17.95 4.27
N VAL D 93 16.04 -17.08 4.09
CA VAL D 93 15.68 -16.01 5.06
C VAL D 93 14.25 -16.33 5.53
N ASP D 94 13.99 -16.23 6.83
CA ASP D 94 12.70 -16.66 7.43
C ASP D 94 11.49 -15.93 6.83
N GLN D 95 11.58 -14.62 6.57
CA GLN D 95 10.37 -13.93 6.04
C GLN D 95 10.72 -12.65 5.28
N ASP D 96 9.74 -12.07 4.61
CA ASP D 96 9.99 -10.78 3.95
C ASP D 96 9.45 -9.65 4.84
N LEU D 97 9.73 -8.41 4.47
CA LEU D 97 9.28 -7.23 5.24
C LEU D 97 7.78 -7.15 5.22
N ARG D 98 7.14 -7.52 4.13
CA ARG D 98 5.66 -7.39 4.12
C ARG D 98 5.06 -8.25 5.22
N THR D 99 5.54 -9.47 5.40
CA THR D 99 5.07 -10.40 6.46
C THR D 99 5.48 -9.87 7.84
N TYR D 100 6.67 -9.32 7.97
CA TYR D 100 7.17 -8.80 9.26
C TYR D 100 6.28 -7.66 9.74
N LEU D 101 5.84 -6.81 8.83
CA LEU D 101 4.95 -5.69 9.21
C LEU D 101 3.59 -6.21 9.69
N ASP D 102 2.95 -7.11 8.93
CA ASP D 102 1.60 -7.60 9.29
C ASP D 102 1.69 -8.36 10.61
N LYS D 103 2.85 -8.95 10.85
CA LYS D 103 3.11 -9.76 12.07
C LYS D 103 3.04 -8.87 13.32
N ALA D 104 3.58 -7.66 13.24
CA ALA D 104 3.64 -6.74 14.41
C ALA D 104 2.22 -6.41 14.91
N PRO D 105 1.99 -6.44 16.24
CA PRO D 105 0.68 -6.12 16.81
C PRO D 105 0.37 -4.63 16.75
N PRO D 106 -0.92 -4.21 16.69
CA PRO D 106 -1.29 -2.80 16.63
C PRO D 106 -0.87 -2.07 17.91
N PRO D 107 -0.43 -0.80 17.85
CA PRO D 107 -0.71 0.10 16.72
C PRO D 107 0.34 0.00 15.62
N GLY D 108 1.40 -0.78 15.87
CA GLY D 108 2.49 -0.97 14.89
C GLY D 108 3.80 -1.27 15.59
N LEU D 109 4.88 -1.41 14.82
CA LEU D 109 6.24 -1.70 15.36
C LEU D 109 6.81 -0.44 16.03
N PRO D 110 7.74 -0.56 17.00
CA PRO D 110 8.34 0.60 17.65
C PRO D 110 9.18 1.45 16.70
N ALA D 111 9.30 2.75 16.98
CA ALA D 111 10.06 3.69 16.13
C ALA D 111 11.53 3.26 16.06
N GLU D 112 12.09 2.80 17.18
CA GLU D 112 13.50 2.35 17.22
C GLU D 112 13.68 1.16 16.27
N THR D 113 12.70 0.25 16.26
CA THR D 113 12.73 -0.92 15.38
C THR D 113 12.76 -0.44 13.91
N ILE D 114 11.92 0.56 13.58
CA ILE D 114 11.86 1.14 12.26
C ILE D 114 13.20 1.78 11.88
N LYS D 115 13.82 2.54 12.79
CA LYS D 115 15.11 3.19 12.52
C LYS D 115 16.22 2.16 12.28
N ASP D 116 16.22 1.06 13.03
CA ASP D 116 17.20 0.00 12.91
C ASP D 116 17.00 -0.73 11.57
N LEU D 117 15.73 -0.97 11.21
CA LEU D 117 15.40 -1.63 9.92
C LEU D 117 15.87 -0.74 8.77
N MET D 118 15.62 0.58 8.89
CA MET D 118 16.03 1.56 7.89
C MET D 118 17.54 1.67 7.76
N ARG D 119 18.25 1.63 8.88
CA ARG D 119 19.71 1.68 8.87
C ARG D 119 20.29 0.46 8.14
N GLN D 120 19.75 -0.74 8.43
CA GLN D 120 20.19 -1.98 7.80
C GLN D 120 19.84 -1.99 6.31
N PHE D 121 18.64 -1.51 5.98
CA PHE D 121 18.18 -1.43 4.57
C PHE D 121 19.09 -0.50 3.77
N LEU D 122 19.45 0.65 4.35
CA LEU D 122 20.35 1.61 3.73
C LEU D 122 21.80 1.14 3.69
N ARG D 123 22.25 0.39 4.71
CA ARG D 123 23.63 -0.13 4.67
C ARG D 123 23.75 -1.10 3.49
N GLY D 124 22.75 -1.98 3.32
CA GLY D 124 22.72 -2.96 2.22
C GLY D 124 22.58 -2.30 0.85
N LEU D 125 21.70 -1.30 0.74
CA LEU D 125 21.47 -0.59 -0.55
C LEU D 125 22.75 0.14 -0.98
N ASP D 126 23.44 0.78 -0.02
CA ASP D 126 24.68 1.52 -0.31
C ASP D 126 25.74 0.54 -0.83
N PHE D 127 25.81 -0.65 -0.23
CA PHE D 127 26.80 -1.68 -0.65
C PHE D 127 26.52 -2.07 -2.10
N LEU D 128 25.25 -2.27 -2.45
CA LEU D 128 24.88 -2.65 -3.84
C LEU D 128 25.25 -1.49 -4.78
N HIS D 129 24.95 -0.26 -4.37
CA HIS D 129 25.26 0.95 -5.18
C HIS D 129 26.77 1.09 -5.36
N ALA D 130 27.53 0.82 -4.30
CA ALA D 130 28.99 0.91 -4.35
C ALA D 130 29.62 -0.15 -5.27
N ASN D 131 28.90 -1.26 -5.52
CA ASN D 131 29.38 -2.34 -6.39
C ASN D 131 28.71 -2.31 -7.77
N CYS D 132 28.28 -1.11 -8.21
CA CYS D 132 27.68 -0.81 -9.51
C CYS D 132 26.34 -1.50 -9.75
N ILE D 133 25.64 -1.89 -8.69
CA ILE D 133 24.33 -2.51 -8.82
C ILE D 133 23.24 -1.56 -8.36
N VAL D 134 22.15 -1.54 -9.13
CA VAL D 134 20.90 -0.79 -8.81
C VAL D 134 19.81 -1.85 -8.72
N HIS D 135 19.05 -1.93 -7.62
CA HIS D 135 18.05 -3.02 -7.47
C HIS D 135 16.95 -2.96 -8.55
N ARG D 136 16.35 -1.77 -8.72
CA ARG D 136 15.38 -1.45 -9.82
C ARG D 136 13.97 -1.96 -9.52
N ASP D 137 13.75 -2.71 -8.45
CA ASP D 137 12.40 -3.21 -8.12
C ASP D 137 12.28 -3.43 -6.62
N LEU D 138 12.81 -2.52 -5.82
CA LEU D 138 12.74 -2.66 -4.34
C LEU D 138 11.28 -2.70 -3.93
N LYS D 139 10.95 -3.65 -3.06
CA LYS D 139 9.60 -3.91 -2.53
C LYS D 139 9.72 -4.61 -1.19
N PRO D 140 8.69 -4.61 -0.35
CA PRO D 140 8.75 -5.33 0.90
C PRO D 140 8.91 -6.83 0.63
N GLU D 141 8.35 -7.31 -0.47
CA GLU D 141 8.48 -8.72 -0.89
C GLU D 141 9.95 -9.06 -1.07
N ASN D 142 10.77 -8.16 -1.60
CA ASN D 142 12.20 -8.48 -1.79
C ASN D 142 13.08 -8.00 -0.64
N ILE D 143 12.54 -7.34 0.37
CA ILE D 143 13.37 -6.98 1.55
C ILE D 143 13.12 -8.10 2.56
N LEU D 144 14.13 -8.87 2.87
CA LEU D 144 13.95 -10.09 3.70
C LEU D 144 14.43 -9.85 5.13
N VAL D 145 13.64 -10.28 6.10
CA VAL D 145 13.99 -10.12 7.54
C VAL D 145 14.12 -11.52 8.16
N THR D 146 15.21 -11.73 8.90
CA THR D 146 15.49 -13.03 9.59
C THR D 146 14.80 -13.05 10.95
N SER D 147 14.84 -14.20 11.63
CA SER D 147 14.25 -14.37 12.99
C SER D 147 14.91 -13.42 13.98
N GLY D 148 16.24 -13.22 13.85
CA GLY D 148 17.05 -12.30 14.68
C GLY D 148 16.79 -10.83 14.41
N GLY D 149 16.11 -10.50 13.31
CA GLY D 149 15.79 -9.10 12.95
C GLY D 149 16.74 -8.52 11.90
N THR D 150 17.72 -9.31 11.45
CA THR D 150 18.65 -8.84 10.40
C THR D 150 17.87 -8.70 9.08
N VAL D 151 18.12 -7.63 8.33
CA VAL D 151 17.40 -7.42 7.03
C VAL D 151 18.39 -7.64 5.89
N LYS D 152 18.05 -8.51 4.94
CA LYS D 152 18.95 -8.82 3.79
C LYS D 152 18.20 -8.55 2.48
N LEU D 153 18.79 -7.73 1.60
CA LEU D 153 18.18 -7.39 0.29
C LEU D 153 18.29 -8.61 -0.64
N ALA D 154 17.27 -8.82 -1.48
CA ALA D 154 17.21 -9.99 -2.39
C ALA D 154 16.68 -9.58 -3.77
N ASP D 155 16.80 -10.50 -4.73
CA ASP D 155 16.29 -10.33 -6.13
C ASP D 155 16.92 -9.12 -6.85
N PHE D 156 18.25 -9.04 -6.89
CA PHE D 156 18.94 -7.93 -7.60
C PHE D 156 20.10 -8.49 -8.43
N GLY D 157 20.58 -7.70 -9.41
CA GLY D 157 21.75 -8.03 -10.24
C GLY D 157 21.48 -9.06 -11.32
N LEU D 158 20.21 -9.39 -11.58
CA LEU D 158 19.86 -10.42 -12.60
C LEU D 158 19.08 -9.80 -13.77
N ALA D 159 19.26 -8.50 -14.05
CA ALA D 159 18.47 -7.86 -15.11
C ALA D 159 18.69 -8.48 -16.50
N ARG D 160 19.94 -8.70 -16.92
CA ARG D 160 20.18 -9.26 -18.29
C ARG D 160 19.68 -10.71 -18.41
N ILE D 161 19.94 -11.52 -17.40
CA ILE D 161 19.52 -12.95 -17.42
C ILE D 161 18.00 -13.06 -17.26
N TYR D 162 17.37 -12.15 -16.52
CA TYR D 162 15.90 -12.18 -16.41
C TYR D 162 15.21 -11.74 -17.72
N SER D 163 15.76 -10.71 -18.37
CA SER D 163 15.13 -10.13 -19.59
C SER D 163 15.52 -10.87 -20.87
N TYR D 164 15.37 -12.20 -20.88
CA TYR D 164 15.62 -12.95 -22.11
C TYR D 164 14.29 -13.34 -22.75
N VAL D 171 2.47 -8.21 -18.95
CA VAL D 171 2.53 -6.98 -18.15
C VAL D 171 1.58 -7.05 -16.91
N VAL D 172 2.19 -7.03 -15.70
CA VAL D 172 1.47 -7.09 -14.42
C VAL D 172 2.28 -6.48 -13.24
N VAL D 173 3.45 -5.91 -13.52
CA VAL D 173 4.36 -5.35 -12.53
C VAL D 173 3.73 -4.26 -11.64
N THR D 174 4.02 -4.33 -10.33
CA THR D 174 3.55 -3.38 -9.33
C THR D 174 4.28 -2.09 -9.54
N LEU D 175 3.58 -0.95 -9.64
CA LEU D 175 4.26 0.34 -9.84
C LEU D 175 4.30 1.18 -8.57
N TRP D 176 4.05 0.59 -7.42
CA TRP D 176 3.93 1.35 -6.15
C TRP D 176 5.25 1.95 -5.67
N TYR D 177 6.40 1.42 -6.08
CA TYR D 177 7.67 1.94 -5.53
C TYR D 177 8.55 2.50 -6.64
N ARG D 178 8.02 2.51 -7.86
CA ARG D 178 8.77 3.04 -9.03
C ARG D 178 9.01 4.53 -8.87
N ALA D 179 10.22 4.98 -9.21
CA ALA D 179 10.60 6.42 -9.17
C ALA D 179 9.88 7.14 -10.31
N PRO D 180 9.59 8.45 -10.20
CA PRO D 180 8.88 9.19 -11.25
C PRO D 180 9.62 9.16 -12.60
N GLU D 181 10.95 9.21 -12.58
CA GLU D 181 11.76 9.21 -13.83
C GLU D 181 11.47 7.91 -14.60
N VAL D 182 11.35 6.78 -13.89
CA VAL D 182 11.05 5.46 -14.51
C VAL D 182 9.62 5.52 -15.05
N LEU D 183 8.70 6.08 -14.26
CA LEU D 183 7.27 6.22 -14.65
C LEU D 183 7.17 7.14 -15.87
N LEU D 184 7.97 8.21 -15.90
CA LEU D 184 7.93 9.15 -17.05
C LEU D 184 8.87 8.65 -18.17
N GLN D 185 9.65 7.61 -17.88
CA GLN D 185 10.62 7.04 -18.86
C GLN D 185 11.69 8.07 -19.22
N SER D 186 12.20 8.81 -18.22
CA SER D 186 13.23 9.86 -18.47
C SER D 186 14.66 9.38 -18.14
N THR D 187 14.88 8.81 -16.95
CA THR D 187 16.25 8.36 -16.57
C THR D 187 16.15 7.21 -15.55
N TYR D 188 17.12 6.28 -15.58
CA TYR D 188 17.06 5.12 -14.69
C TYR D 188 18.31 4.98 -13.85
N ALA D 189 18.94 6.12 -13.49
CA ALA D 189 20.14 6.15 -12.68
C ALA D 189 19.90 5.62 -11.24
N THR D 190 20.97 5.35 -10.49
CA THR D 190 20.99 4.86 -9.12
C THR D 190 19.92 5.45 -8.19
N PRO D 191 19.60 6.78 -8.21
CA PRO D 191 18.58 7.30 -7.28
C PRO D 191 17.17 6.71 -7.38
N VAL D 192 16.92 5.85 -8.36
CA VAL D 192 15.56 5.21 -8.52
C VAL D 192 15.25 4.36 -7.28
N ASP D 193 16.27 3.79 -6.63
CA ASP D 193 16.12 2.96 -5.44
C ASP D 193 15.83 3.79 -4.22
N MET D 194 16.40 5.00 -4.12
CA MET D 194 16.14 5.83 -2.95
C MET D 194 14.69 6.31 -2.88
N TRP D 195 14.00 6.40 -4.04
CA TRP D 195 12.59 6.72 -4.08
C TRP D 195 11.83 5.57 -3.44
N SER D 196 12.12 4.32 -3.84
CA SER D 196 11.51 3.10 -3.31
C SER D 196 11.76 2.99 -1.82
N VAL D 197 12.93 3.44 -1.32
CA VAL D 197 13.25 3.47 0.11
C VAL D 197 12.28 4.39 0.84
N GLY D 198 12.01 5.56 0.26
CA GLY D 198 11.05 6.52 0.82
C GLY D 198 9.67 5.91 0.93
N CYS D 199 9.21 5.23 -0.14
CA CYS D 199 7.93 4.54 -0.13
C CYS D 199 7.88 3.46 0.95
N ILE D 200 8.95 2.66 1.12
CA ILE D 200 9.05 1.60 2.13
C ILE D 200 9.07 2.18 3.54
N PHE D 201 9.86 3.25 3.74
CA PHE D 201 10.00 3.97 4.99
C PHE D 201 8.63 4.41 5.52
N ALA D 202 7.85 5.14 4.69
CA ALA D 202 6.51 5.62 5.03
C ALA D 202 5.59 4.45 5.33
N GLU D 203 5.73 3.38 4.55
CA GLU D 203 4.89 2.16 4.69
C GLU D 203 5.16 1.44 6.02
N MET D 204 6.30 1.66 6.66
CA MET D 204 6.55 1.06 7.97
C MET D 204 5.69 1.71 9.05
N PHE D 205 5.28 2.99 8.87
CA PHE D 205 4.42 3.68 9.83
C PHE D 205 2.95 3.48 9.50
N ARG D 206 2.58 3.45 8.21
CA ARG D 206 1.17 3.24 7.85
C ARG D 206 0.76 1.78 7.92
N ARG D 207 1.72 0.92 7.63
CA ARG D 207 1.50 -0.54 7.54
C ARG D 207 0.61 -0.81 6.33
N LYS D 208 0.56 0.15 5.41
CA LYS D 208 -0.21 0.08 4.14
C LYS D 208 0.62 0.86 3.12
N PRO D 209 0.66 0.51 1.84
CA PRO D 209 1.48 1.26 0.91
C PRO D 209 1.07 2.72 0.73
N LEU D 210 2.07 3.59 0.64
CA LEU D 210 1.88 5.04 0.48
C LEU D 210 1.24 5.38 -0.87
N PHE D 211 1.67 4.73 -1.93
CA PHE D 211 1.14 4.96 -3.30
C PHE D 211 0.68 3.62 -3.89
N CYS D 212 -0.56 3.56 -4.35
CA CYS D 212 -1.10 2.32 -4.95
C CYS D 212 -1.70 2.63 -6.31
N GLY D 213 -0.88 3.01 -7.27
CA GLY D 213 -1.34 3.31 -8.62
C GLY D 213 -1.56 2.05 -9.42
N ASN D 214 -2.42 2.11 -10.44
CA ASN D 214 -2.79 0.98 -11.33
C ASN D 214 -2.05 1.11 -12.64
N SER D 215 -1.76 2.34 -12.99
CA SER D 215 -1.09 2.66 -14.26
C SER D 215 0.03 3.65 -13.99
N GLU D 216 0.90 3.84 -14.95
CA GLU D 216 2.01 4.78 -14.73
C GLU D 216 1.44 6.17 -14.49
N ALA D 217 0.39 6.49 -15.22
CA ALA D 217 -0.21 7.85 -15.13
C ALA D 217 -0.89 8.01 -13.77
N ASP D 218 -1.61 6.98 -13.33
CA ASP D 218 -2.32 6.97 -12.03
C ASP D 218 -1.30 7.06 -10.89
N GLN D 219 -0.22 6.30 -11.00
CA GLN D 219 0.85 6.28 -9.96
C GLN D 219 1.49 7.68 -9.87
N LEU D 220 1.74 8.31 -11.02
CA LEU D 220 2.35 9.66 -11.04
C LEU D 220 1.42 10.66 -10.36
N GLY D 221 0.12 10.58 -10.64
CA GLY D 221 -0.86 11.50 -10.04
C GLY D 221 -0.91 11.36 -8.53
N LYS D 222 -0.87 10.11 -8.04
CA LYS D 222 -0.90 9.84 -6.58
C LYS D 222 0.37 10.44 -5.94
N ILE D 223 1.51 10.31 -6.61
CA ILE D 223 2.79 10.86 -6.09
C ILE D 223 2.69 12.38 -5.99
N PHE D 224 2.12 13.03 -7.02
CA PHE D 224 1.97 14.51 -7.09
C PHE D 224 1.04 15.02 -5.98
N ASP D 225 0.06 14.23 -5.58
CA ASP D 225 -0.90 14.62 -4.50
C ASP D 225 -0.14 14.88 -3.19
N LEU D 226 0.88 14.07 -2.90
CA LEU D 226 1.67 14.22 -1.64
C LEU D 226 2.86 15.17 -1.85
N ILE D 227 3.73 14.86 -2.82
CA ILE D 227 4.96 15.66 -3.07
C ILE D 227 4.63 17.04 -3.64
N GLY D 228 3.52 17.15 -4.36
CA GLY D 228 3.12 18.39 -5.04
C GLY D 228 3.51 18.31 -6.50
N LEU D 229 2.84 19.04 -7.39
CA LEU D 229 3.22 18.97 -8.83
C LEU D 229 4.56 19.68 -8.99
N PRO D 230 5.56 19.08 -9.68
CA PRO D 230 6.87 19.69 -9.86
C PRO D 230 6.78 20.90 -10.81
N PRO D 231 7.60 21.95 -10.65
CA PRO D 231 7.56 23.09 -11.59
C PRO D 231 8.17 22.76 -12.96
N GLU D 232 7.88 23.59 -13.97
CA GLU D 232 8.37 23.42 -15.34
C GLU D 232 9.89 23.21 -15.39
N ASP D 233 10.64 23.92 -14.54
CA ASP D 233 12.10 23.84 -14.45
C ASP D 233 12.57 22.46 -13.98
N ASP D 234 11.80 21.81 -13.10
CA ASP D 234 12.17 20.49 -12.60
C ASP D 234 11.73 19.33 -13.51
N TRP D 235 10.84 19.59 -14.48
CA TRP D 235 10.33 18.54 -15.37
C TRP D 235 11.33 18.23 -16.47
N PRO D 236 11.70 16.95 -16.66
CA PRO D 236 12.65 16.63 -17.73
C PRO D 236 12.07 16.74 -19.14
N ARG D 237 12.91 17.09 -20.12
CA ARG D 237 12.45 17.27 -21.51
C ARG D 237 12.16 15.93 -22.23
N ASP D 238 12.74 14.82 -21.75
CA ASP D 238 12.50 13.52 -22.35
C ASP D 238 11.47 12.70 -21.56
N VAL D 239 10.21 13.15 -21.57
CA VAL D 239 9.17 12.45 -20.82
C VAL D 239 8.06 11.86 -21.70
N SER D 240 7.49 10.75 -21.22
CA SER D 240 6.38 10.06 -21.88
C SER D 240 5.11 10.88 -21.70
N LEU D 241 4.85 11.34 -20.46
CA LEU D 241 3.68 12.15 -20.14
C LEU D 241 4.10 13.58 -19.86
N PRO D 242 3.51 14.56 -20.56
CA PRO D 242 3.85 15.97 -20.29
C PRO D 242 3.36 16.50 -18.95
N ARG D 243 3.84 17.69 -18.55
CA ARG D 243 3.44 18.31 -17.27
C ARG D 243 1.98 18.75 -17.28
N GLY D 244 1.53 19.25 -18.44
CA GLY D 244 0.16 19.71 -18.66
C GLY D 244 -0.91 18.64 -18.53
N ALA D 245 -0.50 17.36 -18.62
CA ALA D 245 -1.41 16.22 -18.46
C ALA D 245 -1.88 16.03 -17.01
N PHE D 246 -1.14 16.60 -16.05
CA PHE D 246 -1.44 16.49 -14.62
C PHE D 246 -2.04 17.80 -14.07
N PRO D 247 -3.04 17.69 -13.18
CA PRO D 247 -3.66 18.90 -12.61
C PRO D 247 -2.77 19.59 -11.57
N PRO D 248 -3.01 20.88 -11.29
CA PRO D 248 -2.20 21.58 -10.28
C PRO D 248 -2.28 20.95 -8.89
N ARG D 249 -1.13 20.78 -8.21
CA ARG D 249 -1.09 20.22 -6.87
C ARG D 249 0.09 20.86 -6.12
N GLY D 250 -0.09 21.13 -4.84
CA GLY D 250 0.99 21.62 -4.00
C GLY D 250 1.48 20.54 -3.04
N PRO D 251 2.63 20.73 -2.38
CA PRO D 251 3.08 19.71 -1.42
C PRO D 251 2.09 19.57 -0.26
N ARG D 252 1.79 18.31 0.05
CA ARG D 252 0.83 17.93 1.12
C ARG D 252 1.65 17.59 2.36
N PRO D 253 1.25 18.00 3.59
CA PRO D 253 2.04 17.69 4.77
C PRO D 253 2.16 16.16 4.91
N VAL D 254 3.38 15.68 5.19
CA VAL D 254 3.70 14.24 5.35
C VAL D 254 2.94 13.68 6.55
N GLN D 255 2.79 14.47 7.61
CA GLN D 255 2.11 14.04 8.87
C GLN D 255 0.67 13.64 8.57
N SER D 256 -0.03 14.34 7.68
CA SER D 256 -1.42 13.91 7.38
C SER D 256 -1.39 12.50 6.78
N VAL D 257 -0.49 12.25 5.84
CA VAL D 257 -0.32 10.90 5.21
C VAL D 257 0.28 9.90 6.19
N VAL D 258 1.30 10.29 6.97
CA VAL D 258 1.99 9.38 7.92
C VAL D 258 2.05 10.05 9.30
N PRO D 259 1.02 9.91 10.16
CA PRO D 259 0.98 10.56 11.48
C PRO D 259 2.02 10.18 12.56
N GLU D 260 2.37 8.90 12.66
CA GLU D 260 3.30 8.42 13.73
C GLU D 260 4.71 8.99 13.60
N MET D 261 5.11 9.42 12.40
CA MET D 261 6.49 9.93 12.16
C MET D 261 6.77 11.31 12.79
N GLU D 262 7.96 11.45 13.38
CA GLU D 262 8.57 12.68 13.97
C GLU D 262 8.94 13.65 12.83
N GLU D 263 8.95 14.95 13.13
CA GLU D 263 9.28 15.92 12.09
C GLU D 263 10.59 15.61 11.36
N SER D 264 11.65 15.20 12.08
CA SER D 264 12.92 14.89 11.43
C SER D 264 12.84 13.64 10.51
N GLY D 265 11.94 12.72 10.82
CA GLY D 265 11.68 11.54 10.02
C GLY D 265 10.98 11.91 8.74
N ALA D 266 10.00 12.82 8.83
CA ALA D 266 9.26 13.34 7.68
C ALA D 266 10.16 14.18 6.76
N GLN D 267 11.14 14.86 7.36
CA GLN D 267 12.17 15.63 6.59
C GLN D 267 13.03 14.66 5.79
N LEU D 268 13.45 13.56 6.43
CA LEU D 268 14.26 12.52 5.78
C LEU D 268 13.43 11.87 4.67
N LEU D 269 12.13 11.59 4.95
CA LEU D 269 11.20 11.00 4.00
C LEU D 269 11.09 11.87 2.75
N LEU D 270 11.00 13.19 2.92
CA LEU D 270 10.91 14.12 1.81
C LEU D 270 12.21 14.23 1.02
N GLU D 271 13.35 14.02 1.66
CA GLU D 271 14.62 14.00 0.97
C GLU D 271 14.73 12.76 0.06
N MET D 272 14.10 11.64 0.44
CA MET D 272 14.04 10.40 -0.35
C MET D 272 12.98 10.54 -1.44
N LEU D 273 11.82 11.11 -1.09
CA LEU D 273 10.72 11.32 -2.01
C LEU D 273 10.84 12.69 -2.68
N THR D 274 11.97 12.92 -3.37
CA THR D 274 12.25 14.15 -4.13
C THR D 274 12.13 13.82 -5.62
N PHE D 275 11.37 14.63 -6.35
CA PHE D 275 11.10 14.39 -7.78
C PHE D 275 12.40 14.41 -8.59
N ASN D 276 13.30 15.35 -8.30
CA ASN D 276 14.58 15.44 -9.06
C ASN D 276 15.55 14.40 -8.49
N PRO D 277 16.04 13.44 -9.30
CA PRO D 277 16.96 12.40 -8.83
C PRO D 277 18.29 12.97 -8.33
N HIS D 278 18.81 13.99 -9.02
CA HIS D 278 20.11 14.62 -8.64
C HIS D 278 20.01 15.23 -7.24
N LYS D 279 18.88 15.87 -6.92
CA LYS D 279 18.68 16.50 -5.59
C LYS D 279 18.28 15.47 -4.53
N ARG D 280 17.89 14.27 -4.96
CA ARG D 280 17.42 13.19 -4.02
C ARG D 280 18.58 12.68 -3.15
N ILE D 281 18.30 12.43 -1.87
CA ILE D 281 19.28 11.93 -0.93
C ILE D 281 19.81 10.54 -1.33
N SER D 282 21.11 10.32 -1.16
CA SER D 282 21.72 9.05 -1.47
C SER D 282 21.54 8.11 -0.26
N ALA D 283 21.88 6.82 -0.41
CA ALA D 283 21.77 5.87 0.71
C ALA D 283 22.76 6.21 1.80
N PHE D 284 23.96 6.65 1.42
CA PHE D 284 25.01 7.03 2.35
C PHE D 284 24.66 8.32 3.10
N ARG D 285 24.09 9.30 2.40
CA ARG D 285 23.66 10.57 3.03
C ARG D 285 22.51 10.29 4.01
N ALA D 286 21.53 9.46 3.61
CA ALA D 286 20.39 9.11 4.46
C ALA D 286 20.82 8.41 5.75
N LEU D 287 21.92 7.65 5.70
CA LEU D 287 22.49 6.98 6.85
C LEU D 287 23.06 7.99 7.85
N GLN D 288 23.58 9.12 7.36
CA GLN D 288 24.13 10.22 8.15
C GLN D 288 23.03 11.16 8.71
N HIS D 289 21.76 10.96 8.33
CA HIS D 289 20.68 11.83 8.78
C HIS D 289 20.49 11.77 10.30
N SER D 290 20.08 12.89 10.92
CA SER D 290 19.89 12.98 12.37
C SER D 290 18.84 12.00 12.88
N TYR D 291 17.79 11.77 12.09
CA TYR D 291 16.75 10.82 12.47
C TYR D 291 17.33 9.39 12.65
N LEU D 292 18.36 9.02 11.84
CA LEU D 292 19.04 7.72 11.87
C LEU D 292 20.50 7.83 12.35
#